data_4K24
#
_entry.id   4K24
#
_cell.length_a   164.659
_cell.length_b   164.659
_cell.length_c   391.582
_cell.angle_alpha   90.00
_cell.angle_beta   90.00
_cell.angle_gamma   120.00
#
_symmetry.space_group_name_H-M   'H 3 2'
#
loop_
_entity.id
_entity.type
_entity.pdbx_description
1 polymer 'Urokinase-type plasminogen activator'
2 polymer Vitronectin
3 polymer 'anti-uPAR antibody, heavy chain'
4 polymer 'anti-uPAR antibody, light chain'
5 polymer 'Urokinase plasminogen activator surface receptor'
6 branched 2-acetamido-2-deoxy-beta-D-glucopyranose-(1-4)-2-acetamido-2-deoxy-beta-D-glucopyranose
7 non-polymer alpha-D-mannopyranose
8 non-polymer 2-acetamido-2-deoxy-beta-D-glucopyranose
#
loop_
_entity_poly.entity_id
_entity_poly.type
_entity_poly.pdbx_seq_one_letter_code
_entity_poly.pdbx_strand_id
1 'polypeptide(L)'
;RSSNELHQVPSNCDCLNGGTCVSNKYFSNIHWCNCPKKFGGQHCEIDKSKTCYEGNGHFYRGKASTDTMGRPCLPWNSAT
VLQQTYHAHRSDALQLGLGKHNYCRNPDNRRRPWCYVQVGLKPLVQECMVHDCAD
;
A
2 'polypeptide(L)' QESCKGRCTEGFNVDKKCQCDELCSYYQSCCTDYTAECKP B
3 'polypeptide(L)'
;EVQLQQSGPELVKTGASVKISCKASGYSFTSYYMHWVKQSHGKSLEWIGEINPYNGGASYNQKIKGRATFTVDTSSRTAY
MQFNSLTSEDSAVYYCARSIYGHSVLDYWGQGTSVSVSSAKTTPPSVYPLAPGSAAQTNSMVTLGCLVKGYFPEPVTVTW
NSGSLSSGVHTFPAVLQSDLYTLSSSVTVPSSTWPSQTVTCNVAHPASSTKVDKKIVPRDCGCKPCIC
;
H
4 'polypeptide(L)'
;DVVMTQTPLTLSVTIGQPASISCKSSQSLLDSDGKTYLNWLLQRPGQSPKRLIYLVSKLDSGVPDRFTGSGSGTDFTLKI
SRVEAEDLGVYYCWQGTHFPLTFGAGTKLELKRADAAPTVSIFPPSSEQLTSGGASVVCFLNNFYPKDINVKWKIDGSER
QNGVLNSWTDQDSKDSTYSMSSTLTLTKDEYERHNSYTCEATHKTSTSPIVKSFNRNEC
;
L
5 'polypeptide(L)'
;RSLRCMQCKTNGDCRVEECALGQDLCRTTIVRLWEEGEELELVEKSCTHSEKTNRTLSYRTGLKITSLTEVVCGLDLCNQ
GNSGRAVTYSRSRYLECISCGSSDMSCERGRHQSLQCRSPEEQCLDVVTHWIQEGEEGRPKDDRHLRGCGYLPGCPGSNG
FHNNDTFHFLKCCNTTKCNEGPILELENLPQNGRQCYSCKGNSTHGCSSEETFLIDCRGPMNQCLVATGTHEPKNQSYMV
RGCATASMCQHAHLGDAFSMNHIDVSCCTKSGCNHPDLDVQYR
;
U
#
# COMPACT_ATOMS: atom_id res chain seq x y z
N PRO A 10 23.78 -19.53 -6.03
CA PRO A 10 23.12 -18.62 -6.98
C PRO A 10 23.91 -18.45 -8.30
N SER A 11 23.35 -18.80 -9.46
CA SER A 11 24.03 -18.65 -10.79
C SER A 11 23.20 -17.94 -11.87
N ASN A 12 23.86 -17.43 -12.91
CA ASN A 12 23.13 -16.67 -13.92
C ASN A 12 23.74 -16.55 -15.32
N CYS A 13 22.86 -16.17 -16.25
CA CYS A 13 23.18 -15.99 -17.66
C CYS A 13 24.04 -17.18 -18.06
N ASP A 14 24.86 -16.96 -19.06
CA ASP A 14 25.73 -18.02 -19.52
C ASP A 14 27.22 -17.83 -19.34
N CYS A 15 27.63 -16.68 -18.84
CA CYS A 15 29.00 -16.23 -19.07
C CYS A 15 30.04 -16.97 -18.24
N LEU A 16 31.29 -17.02 -18.74
CA LEU A 16 32.37 -17.88 -18.16
C LEU A 16 33.61 -17.19 -17.57
N ASN A 17 34.51 -18.00 -17.02
CA ASN A 17 35.81 -17.57 -16.52
C ASN A 17 35.92 -16.25 -15.77
N GLY A 18 34.94 -15.95 -14.91
CA GLY A 18 34.94 -14.72 -14.13
C GLY A 18 34.18 -13.71 -14.96
N GLY A 19 33.69 -14.20 -16.09
CA GLY A 19 33.01 -13.33 -17.00
C GLY A 19 31.74 -12.92 -16.35
N THR A 20 31.60 -11.63 -16.14
CA THR A 20 30.51 -11.14 -15.36
C THR A 20 29.39 -10.75 -16.31
N CYS A 21 28.26 -11.45 -16.24
CA CYS A 21 27.14 -11.16 -17.13
C CYS A 21 26.62 -9.79 -16.79
N VAL A 22 26.24 -9.05 -17.81
CA VAL A 22 25.59 -7.78 -17.57
C VAL A 22 24.59 -7.49 -18.65
N SER A 23 23.41 -7.08 -18.23
CA SER A 23 22.29 -7.00 -19.14
C SER A 23 21.90 -5.57 -19.14
N ASN A 24 20.78 -5.27 -19.78
CA ASN A 24 20.26 -3.90 -19.72
C ASN A 24 18.72 -3.76 -19.84
N LYS A 25 18.16 -2.80 -19.11
CA LYS A 25 16.71 -2.58 -19.11
C LYS A 25 16.16 -1.99 -20.42
N TYR A 26 16.64 -0.81 -20.83
CA TYR A 26 16.00 -0.03 -21.89
C TYR A 26 16.00 -0.73 -23.25
N PHE A 27 16.61 -1.91 -23.32
CA PHE A 27 16.32 -2.86 -24.41
C PHE A 27 16.14 -4.35 -24.01
N SER A 28 14.91 -4.85 -24.15
CA SER A 28 14.59 -6.28 -24.22
C SER A 28 15.36 -7.10 -23.18
N ASN A 29 15.83 -6.40 -22.16
CA ASN A 29 16.58 -7.04 -21.11
C ASN A 29 17.56 -8.09 -21.71
N ILE A 30 18.17 -7.79 -22.88
CA ILE A 30 19.13 -8.71 -23.51
C ILE A 30 20.46 -8.75 -22.75
N HIS A 31 21.14 -9.90 -22.78
CA HIS A 31 22.33 -10.08 -21.94
C HIS A 31 23.59 -10.40 -22.73
N TRP A 32 24.71 -9.80 -22.28
CA TRP A 32 26.02 -9.98 -22.92
C TRP A 32 27.14 -9.90 -21.89
N CYS A 33 28.22 -10.64 -22.10
CA CYS A 33 29.18 -10.88 -21.04
C CYS A 33 30.41 -9.99 -21.18
N ASN A 34 30.87 -9.41 -20.08
CA ASN A 34 32.04 -8.53 -20.13
C ASN A 34 33.22 -9.37 -19.69
N CYS A 35 33.96 -9.87 -20.68
CA CYS A 35 35.01 -10.87 -20.48
C CYS A 35 36.34 -10.25 -20.20
N PRO A 36 37.24 -11.05 -19.62
CA PRO A 36 38.61 -10.74 -19.24
C PRO A 36 39.62 -10.96 -20.35
N LYS A 37 39.89 -9.97 -21.19
CA LYS A 37 41.17 -10.06 -21.87
C LYS A 37 41.19 -11.42 -22.52
N LYS A 38 41.91 -12.33 -21.88
CA LYS A 38 42.25 -13.62 -22.43
C LYS A 38 41.03 -14.26 -23.13
N PHE A 39 39.85 -13.70 -22.91
CA PHE A 39 38.68 -14.29 -23.53
C PHE A 39 37.92 -13.35 -24.45
N GLY A 40 37.05 -13.94 -25.23
CA GLY A 40 36.21 -13.21 -26.16
C GLY A 40 35.26 -14.18 -26.86
N GLY A 41 34.26 -13.63 -27.53
CA GLY A 41 33.15 -14.37 -28.13
C GLY A 41 31.94 -14.19 -27.24
N GLN A 42 30.74 -14.12 -27.81
CA GLN A 42 29.65 -13.46 -27.09
C GLN A 42 29.55 -13.85 -25.61
N HIS A 43 29.62 -15.16 -25.39
CA HIS A 43 29.47 -15.67 -24.06
C HIS A 43 30.83 -15.86 -23.42
N CYS A 44 31.88 -15.46 -24.13
CA CYS A 44 33.24 -15.73 -23.65
C CYS A 44 33.53 -17.22 -23.71
N GLU A 45 33.22 -17.75 -24.87
CA GLU A 45 33.37 -19.15 -25.19
C GLU A 45 34.71 -19.48 -25.84
N ILE A 46 35.55 -18.47 -26.14
CA ILE A 46 36.83 -18.77 -26.78
C ILE A 46 38.03 -17.84 -26.52
N ASP A 47 39.22 -18.43 -26.41
CA ASP A 47 40.39 -17.77 -25.85
C ASP A 47 41.41 -17.46 -26.93
N LYS A 48 41.79 -16.19 -27.13
CA LYS A 48 42.78 -15.95 -28.16
C LYS A 48 44.06 -15.89 -27.38
N SER A 49 44.69 -17.05 -27.22
CA SER A 49 46.06 -17.21 -26.76
C SER A 49 46.72 -18.43 -27.38
N LYS A 50 46.14 -19.57 -27.04
CA LYS A 50 46.89 -20.80 -27.16
C LYS A 50 47.46 -21.05 -28.55
N THR A 51 48.74 -21.35 -28.52
CA THR A 51 49.44 -21.84 -29.66
C THR A 51 48.85 -23.20 -29.75
N CYS A 52 49.26 -24.04 -28.80
CA CYS A 52 48.91 -25.46 -28.84
C CYS A 52 47.78 -25.89 -27.91
N TYR A 53 47.47 -27.18 -27.97
CA TYR A 53 46.27 -27.78 -27.38
C TYR A 53 46.69 -28.87 -26.39
N GLU A 54 45.80 -29.27 -25.45
CA GLU A 54 46.08 -30.34 -24.47
C GLU A 54 45.70 -31.73 -24.98
N GLY A 55 46.46 -32.76 -24.60
CA GLY A 55 46.45 -34.02 -25.34
C GLY A 55 45.02 -34.38 -25.69
N ASN A 56 44.77 -34.90 -26.90
CA ASN A 56 43.40 -35.10 -27.39
C ASN A 56 42.64 -33.81 -27.66
N GLY A 57 43.16 -32.69 -27.16
CA GLY A 57 42.54 -31.42 -27.46
C GLY A 57 41.05 -31.45 -27.30
N HIS A 58 40.57 -32.14 -26.28
CA HIS A 58 39.16 -32.11 -26.07
C HIS A 58 38.77 -30.64 -26.10
N PHE A 59 39.76 -29.87 -25.72
CA PHE A 59 39.54 -28.58 -25.15
C PHE A 59 39.92 -27.38 -25.92
N TYR A 60 41.07 -27.40 -26.59
CA TYR A 60 41.49 -26.21 -27.30
C TYR A 60 40.35 -25.63 -28.15
N ARG A 61 39.76 -24.57 -27.59
CA ARG A 61 38.79 -23.72 -28.23
C ARG A 61 39.80 -22.75 -28.72
N GLY A 62 39.42 -21.57 -29.14
CA GLY A 62 40.44 -20.69 -29.66
C GLY A 62 40.71 -20.88 -31.15
N LYS A 63 41.08 -19.77 -31.78
CA LYS A 63 40.94 -19.56 -33.20
C LYS A 63 42.02 -20.35 -33.91
N ALA A 64 42.42 -19.91 -35.11
CA ALA A 64 43.16 -20.74 -36.05
C ALA A 64 42.25 -21.73 -36.76
N SER A 65 41.51 -21.20 -37.74
CA SER A 65 40.66 -21.99 -38.60
C SER A 65 41.49 -22.45 -39.80
N THR A 66 41.68 -23.76 -39.98
CA THR A 66 42.66 -24.27 -40.95
C THR A 66 42.77 -25.81 -41.05
N ASP A 67 43.55 -26.35 -41.99
CA ASP A 67 43.76 -27.81 -42.03
C ASP A 67 45.13 -28.22 -42.54
N THR A 68 45.43 -29.51 -42.53
CA THR A 68 46.78 -29.96 -42.85
C THR A 68 47.13 -29.57 -44.28
N MET A 69 46.13 -29.72 -45.14
CA MET A 69 46.27 -29.35 -46.53
C MET A 69 46.09 -27.82 -46.72
N GLY A 70 45.57 -27.14 -45.69
CA GLY A 70 45.57 -25.68 -45.67
C GLY A 70 44.25 -24.91 -45.84
N ARG A 71 43.20 -25.59 -46.29
CA ARG A 71 41.92 -24.94 -46.53
C ARG A 71 41.29 -24.36 -45.25
N PRO A 72 40.03 -23.91 -45.33
CA PRO A 72 39.35 -23.17 -44.27
C PRO A 72 38.88 -24.09 -43.14
N CYS A 73 38.08 -23.56 -42.22
CA CYS A 73 37.10 -24.38 -41.46
C CYS A 73 35.73 -23.73 -41.52
N LEU A 74 34.78 -24.34 -42.21
CA LEU A 74 33.51 -23.67 -42.47
C LEU A 74 33.14 -23.34 -41.08
N PRO A 75 32.45 -22.23 -40.82
CA PRO A 75 32.27 -21.89 -39.41
C PRO A 75 31.20 -22.80 -38.83
N TRP A 76 31.33 -23.32 -37.61
CA TRP A 76 30.30 -24.22 -37.15
C TRP A 76 28.99 -23.50 -37.40
N ASN A 77 29.03 -22.18 -37.25
CA ASN A 77 27.85 -21.33 -37.46
C ASN A 77 27.15 -21.55 -38.82
N SER A 78 27.92 -22.18 -39.70
CA SER A 78 27.53 -22.38 -41.10
C SER A 78 26.30 -23.23 -41.37
N ALA A 79 25.65 -22.96 -42.49
CA ALA A 79 24.69 -23.90 -43.02
C ALA A 79 25.27 -25.32 -43.02
N THR A 80 26.19 -25.64 -43.93
CA THR A 80 26.38 -27.07 -44.19
C THR A 80 26.82 -27.86 -42.95
N VAL A 81 27.10 -27.18 -41.85
CA VAL A 81 27.25 -27.91 -40.59
C VAL A 81 25.91 -28.34 -39.99
N LEU A 82 24.99 -27.40 -39.88
CA LEU A 82 23.78 -27.64 -39.09
C LEU A 82 23.03 -28.83 -39.64
N GLN A 83 23.44 -29.32 -40.79
CA GLN A 83 22.94 -30.62 -41.18
C GLN A 83 23.72 -31.62 -40.37
N GLN A 84 24.98 -31.29 -40.16
CA GLN A 84 25.94 -32.25 -39.65
C GLN A 84 25.83 -32.54 -38.15
N THR A 85 26.85 -33.25 -37.66
CA THR A 85 26.82 -33.93 -36.38
C THR A 85 26.91 -32.92 -35.20
N TYR A 86 28.09 -32.42 -34.87
CA TYR A 86 28.14 -31.26 -33.97
C TYR A 86 28.27 -29.90 -34.76
N HIS A 87 27.41 -28.95 -34.42
CA HIS A 87 27.31 -27.65 -35.09
C HIS A 87 26.78 -26.71 -33.99
N ALA A 88 26.68 -25.41 -34.20
CA ALA A 88 26.40 -24.55 -33.07
C ALA A 88 24.99 -24.12 -32.73
N HIS A 89 23.94 -24.67 -33.33
CA HIS A 89 22.67 -24.51 -32.64
C HIS A 89 22.41 -25.82 -31.93
N ARG A 90 22.81 -25.97 -30.66
CA ARG A 90 22.53 -27.18 -29.89
C ARG A 90 22.46 -26.90 -28.42
N SER A 91 21.30 -26.91 -27.76
CA SER A 91 21.36 -27.51 -26.44
C SER A 91 22.71 -27.05 -25.84
N ASP A 92 23.66 -27.97 -25.86
CA ASP A 92 25.03 -27.89 -25.34
C ASP A 92 26.02 -26.87 -25.92
N ALA A 93 25.63 -26.13 -26.94
CA ALA A 93 26.66 -25.52 -27.80
C ALA A 93 27.85 -25.01 -27.03
N LEU A 94 27.63 -23.96 -26.27
CA LEU A 94 28.72 -23.25 -25.64
C LEU A 94 29.67 -24.29 -25.09
N GLN A 95 29.13 -25.43 -24.69
CA GLN A 95 29.91 -26.44 -24.00
C GLN A 95 30.82 -27.15 -25.00
N LEU A 96 30.57 -26.91 -26.28
CA LEU A 96 31.46 -27.43 -27.28
C LEU A 96 32.51 -26.47 -27.84
N GLY A 97 32.36 -25.20 -27.54
CA GLY A 97 33.21 -24.23 -28.19
C GLY A 97 32.54 -23.59 -29.40
N LEU A 98 31.35 -24.06 -29.76
CA LEU A 98 30.82 -23.61 -31.04
C LEU A 98 30.03 -22.31 -30.91
N GLY A 99 30.72 -21.26 -31.37
CA GLY A 99 30.14 -19.97 -31.67
C GLY A 99 30.13 -19.63 -33.15
N LYS A 100 29.86 -18.36 -33.46
CA LYS A 100 29.62 -17.93 -34.82
C LYS A 100 30.87 -18.22 -35.63
N HIS A 101 31.87 -18.75 -34.94
CA HIS A 101 33.23 -18.85 -35.45
C HIS A 101 33.60 -20.14 -36.19
N ASN A 102 34.46 -19.96 -37.19
CA ASN A 102 35.03 -21.01 -38.04
C ASN A 102 36.32 -21.59 -37.51
N TYR A 103 36.68 -21.20 -36.29
CA TYR A 103 37.87 -21.76 -35.68
C TYR A 103 37.60 -23.23 -35.36
N CYS A 104 38.68 -24.02 -35.25
CA CYS A 104 38.68 -25.46 -35.00
C CYS A 104 38.14 -25.83 -33.64
N ARG A 105 37.84 -27.10 -33.49
CA ARG A 105 37.31 -27.56 -32.25
C ARG A 105 37.55 -29.04 -32.18
N ASN A 106 37.26 -29.61 -31.01
CA ASN A 106 37.13 -31.05 -30.81
C ASN A 106 36.15 -31.46 -29.75
N PRO A 107 34.84 -31.53 -30.05
CA PRO A 107 34.12 -32.40 -29.16
C PRO A 107 33.84 -33.74 -29.79
N ASP A 108 34.78 -34.49 -30.32
CA ASP A 108 34.52 -35.93 -30.35
C ASP A 108 35.49 -36.83 -29.61
N ASN A 109 36.43 -36.22 -28.91
CA ASN A 109 37.57 -36.99 -28.46
C ASN A 109 38.18 -37.79 -29.62
N ARG A 110 38.79 -37.07 -30.54
CA ARG A 110 39.60 -37.67 -31.57
C ARG A 110 41.07 -37.65 -31.26
N ARG A 111 41.83 -37.89 -32.33
CA ARG A 111 43.26 -37.72 -32.31
C ARG A 111 43.54 -36.33 -31.71
N ARG A 112 43.34 -35.32 -32.55
CA ARG A 112 43.62 -33.90 -32.29
C ARG A 112 42.36 -33.12 -32.66
N PRO A 113 42.37 -31.82 -32.42
CA PRO A 113 41.21 -30.94 -32.63
C PRO A 113 40.82 -31.03 -34.06
N TRP A 114 39.90 -30.22 -34.58
CA TRP A 114 39.66 -30.26 -36.04
C TRP A 114 38.73 -29.20 -36.63
N CYS A 115 38.46 -29.27 -37.94
CA CYS A 115 37.31 -28.55 -38.43
C CYS A 115 36.62 -29.17 -39.62
N TYR A 116 35.43 -28.65 -39.92
CA TYR A 116 34.70 -29.07 -41.10
C TYR A 116 35.19 -28.26 -42.26
N VAL A 117 35.80 -28.97 -43.23
CA VAL A 117 36.51 -28.42 -44.37
C VAL A 117 35.74 -28.63 -45.64
N GLN A 118 35.10 -27.62 -46.19
CA GLN A 118 34.38 -27.93 -47.41
C GLN A 118 35.42 -28.52 -48.36
N VAL A 119 35.16 -29.70 -48.93
CA VAL A 119 36.03 -30.21 -49.97
C VAL A 119 35.23 -31.13 -50.87
N GLY A 120 35.57 -31.17 -52.14
CA GLY A 120 34.62 -31.70 -53.09
C GLY A 120 33.39 -30.82 -52.93
N LEU A 121 32.22 -31.43 -52.76
CA LEU A 121 31.04 -30.63 -52.52
C LEU A 121 30.61 -30.76 -51.09
N LYS A 122 30.34 -31.99 -50.72
CA LYS A 122 29.99 -32.37 -49.36
C LYS A 122 31.07 -31.98 -48.34
N PRO A 123 30.70 -31.16 -47.33
CA PRO A 123 31.53 -30.80 -46.19
C PRO A 123 32.17 -32.01 -45.59
N LEU A 124 33.34 -31.88 -44.98
CA LEU A 124 34.02 -33.03 -44.39
C LEU A 124 34.60 -32.71 -43.02
N VAL A 125 35.07 -33.74 -42.35
CA VAL A 125 36.05 -33.52 -41.31
C VAL A 125 37.39 -33.38 -41.98
N GLN A 126 38.26 -32.60 -41.39
CA GLN A 126 39.67 -32.72 -41.73
C GLN A 126 40.47 -32.33 -40.49
N GLU A 127 41.57 -33.04 -40.30
CA GLU A 127 42.46 -32.77 -39.19
C GLU A 127 42.84 -31.33 -39.39
N CYS A 128 42.60 -30.52 -38.36
CA CYS A 128 42.97 -29.10 -38.39
C CYS A 128 44.48 -28.91 -38.11
N MET A 129 45.05 -27.87 -38.70
CA MET A 129 46.43 -27.54 -38.41
C MET A 129 46.37 -26.99 -37.00
N VAL A 130 47.09 -27.59 -36.07
CA VAL A 130 47.54 -26.82 -34.93
C VAL A 130 48.69 -27.54 -34.27
N HIS A 131 49.52 -26.82 -33.52
CA HIS A 131 50.66 -27.42 -32.84
C HIS A 131 50.20 -28.29 -31.67
N ASP A 132 51.10 -29.11 -31.17
CA ASP A 132 50.89 -29.73 -29.89
C ASP A 132 52.03 -29.38 -28.97
N CYS A 133 51.84 -29.67 -27.70
CA CYS A 133 52.78 -29.30 -26.64
C CYS A 133 53.85 -30.37 -26.34
N ALA A 134 53.91 -31.37 -27.22
CA ALA A 134 55.02 -32.32 -27.31
C ALA A 134 56.37 -31.61 -27.39
N GLN B 1 42.21 11.92 -50.99
CA GLN B 1 43.49 11.35 -50.57
C GLN B 1 43.44 10.95 -49.11
N GLU B 2 43.32 9.66 -48.85
CA GLU B 2 43.12 9.21 -47.48
C GLU B 2 44.46 8.97 -46.81
N SER B 3 45.10 7.86 -47.16
CA SER B 3 46.51 7.59 -46.84
C SER B 3 46.96 8.07 -45.45
N CYS B 4 46.45 7.45 -44.39
CA CYS B 4 46.51 8.06 -43.07
C CYS B 4 47.91 8.31 -42.55
N LYS B 5 48.92 7.88 -43.30
CA LYS B 5 50.28 7.78 -42.74
C LYS B 5 50.76 9.04 -42.07
N GLY B 6 50.07 10.16 -42.28
CA GLY B 6 50.52 11.39 -41.67
C GLY B 6 50.43 11.51 -40.17
N ARG B 7 51.62 11.60 -39.56
CA ARG B 7 51.83 11.95 -38.16
C ARG B 7 51.02 11.00 -37.30
N CYS B 8 50.07 10.34 -37.96
CA CYS B 8 49.33 9.23 -37.40
C CYS B 8 48.62 9.65 -36.13
N THR B 9 49.07 10.75 -35.55
CA THR B 9 48.24 11.42 -34.58
C THR B 9 48.48 12.91 -34.60
N GLU B 10 47.51 13.71 -35.00
CA GLU B 10 47.39 14.99 -34.33
C GLU B 10 46.22 14.90 -33.36
N GLY B 11 45.42 13.86 -33.53
CA GLY B 11 44.06 13.88 -33.05
C GLY B 11 43.15 13.97 -34.26
N PHE B 12 41.90 13.55 -34.08
CA PHE B 12 40.99 13.38 -35.19
C PHE B 12 40.56 14.70 -35.78
N ASN B 13 40.29 14.70 -37.07
CA ASN B 13 39.99 15.95 -37.73
C ASN B 13 38.77 15.91 -38.67
N VAL B 14 37.75 16.71 -38.35
CA VAL B 14 36.44 16.64 -39.02
C VAL B 14 36.48 16.94 -40.52
N ASP B 15 37.56 17.53 -40.97
CA ASP B 15 37.74 17.63 -42.40
C ASP B 15 38.70 16.53 -42.82
N LYS B 16 38.17 15.51 -43.48
CA LYS B 16 39.00 14.43 -43.96
C LYS B 16 38.11 13.30 -44.48
N LYS B 17 38.69 12.36 -45.23
CA LYS B 17 37.94 11.16 -45.58
C LYS B 17 37.94 10.23 -44.39
N CYS B 18 39.13 10.00 -43.83
CA CYS B 18 39.34 9.05 -42.75
C CYS B 18 40.24 9.64 -41.68
N GLN B 19 39.80 9.55 -40.45
CA GLN B 19 40.60 10.06 -39.35
C GLN B 19 41.46 8.95 -38.83
N CYS B 20 42.67 9.30 -38.45
CA CYS B 20 43.69 8.33 -38.12
C CYS B 20 43.70 8.02 -36.64
N ASP B 21 42.69 8.53 -35.93
CA ASP B 21 42.62 8.33 -34.48
C ASP B 21 42.32 6.88 -34.07
N GLU B 22 42.66 6.56 -32.83
CA GLU B 22 42.38 5.23 -32.28
C GLU B 22 40.90 4.91 -32.39
N LEU B 23 40.10 5.95 -32.37
CA LEU B 23 38.67 5.75 -32.31
C LEU B 23 37.98 5.27 -33.61
N CYS B 24 38.62 5.47 -34.76
CA CYS B 24 37.91 5.36 -36.05
C CYS B 24 37.01 4.16 -36.14
N SER B 25 37.61 2.97 -36.14
CA SER B 25 36.86 1.77 -36.46
C SER B 25 35.55 1.84 -35.74
N TYR B 26 35.58 2.23 -34.47
CA TYR B 26 34.36 2.26 -33.68
C TYR B 26 33.23 3.01 -34.39
N TYR B 27 33.55 3.98 -35.26
CA TYR B 27 32.59 4.40 -36.29
C TYR B 27 32.89 3.80 -37.65
N GLN B 28 33.88 2.92 -37.68
CA GLN B 28 34.24 2.27 -38.93
C GLN B 28 34.62 3.36 -39.89
N SER B 29 35.17 4.42 -39.32
CA SER B 29 35.59 5.56 -40.08
C SER B 29 37.07 5.42 -40.41
N CYS B 30 37.68 4.35 -39.92
CA CYS B 30 39.11 4.18 -40.10
C CYS B 30 39.49 4.31 -41.57
N CYS B 31 40.70 4.85 -41.82
CA CYS B 31 41.32 4.96 -43.17
C CYS B 31 42.08 3.71 -43.55
N THR B 32 42.11 3.42 -44.83
CA THR B 32 42.53 2.12 -45.23
C THR B 32 43.77 1.69 -44.45
N ASP B 33 44.69 2.61 -44.25
CA ASP B 33 46.01 2.20 -43.84
C ASP B 33 46.31 2.27 -42.36
N TYR B 34 45.40 2.80 -41.57
CA TYR B 34 45.71 3.16 -40.17
C TYR B 34 46.50 2.09 -39.43
N THR B 35 45.85 0.97 -39.18
CA THR B 35 46.41 -0.08 -38.36
C THR B 35 47.82 -0.24 -38.87
N ALA B 36 47.99 -0.07 -40.18
CA ALA B 36 49.30 -0.18 -40.78
C ALA B 36 50.29 0.77 -40.13
N GLU B 37 50.15 2.05 -40.42
CA GLU B 37 51.07 3.07 -39.92
C GLU B 37 51.09 3.12 -38.40
N CYS B 38 49.97 3.51 -37.84
CA CYS B 38 49.77 3.62 -36.41
C CYS B 38 49.52 2.21 -35.85
N LYS B 39 49.79 1.98 -34.56
CA LYS B 39 49.57 0.63 -33.96
C LYS B 39 50.32 -0.41 -34.81
N PRO B 40 51.67 -0.36 -34.75
CA PRO B 40 52.72 -0.98 -35.57
C PRO B 40 53.13 -2.42 -35.23
N GLU C 1 -2.25 -4.86 13.50
CA GLU C 1 -3.60 -4.39 13.80
C GLU C 1 -3.67 -2.89 13.98
N VAL C 2 -4.57 -2.24 13.26
CA VAL C 2 -4.74 -0.81 13.45
C VAL C 2 -5.15 -0.65 14.90
N GLN C 3 -4.40 0.13 15.68
CA GLN C 3 -4.73 0.28 17.11
C GLN C 3 -4.83 1.74 17.56
N LEU C 4 -6.04 2.17 17.92
CA LEU C 4 -6.23 3.49 18.50
C LEU C 4 -6.82 3.37 19.91
N GLN C 5 -6.09 3.90 20.89
CA GLN C 5 -6.49 3.89 22.30
C GLN C 5 -6.24 5.26 22.92
N GLN C 6 -7.30 5.91 23.38
CA GLN C 6 -7.16 7.25 23.95
C GLN C 6 -6.90 7.18 25.44
N SER C 7 -6.94 8.35 26.08
CA SER C 7 -6.95 8.39 27.53
C SER C 7 -8.27 7.80 27.85
N GLY C 8 -8.42 7.35 29.09
CA GLY C 8 -9.76 7.06 29.60
C GLY C 8 -10.44 8.39 29.89
N PRO C 9 -11.50 8.38 30.71
CA PRO C 9 -12.31 9.54 31.07
C PRO C 9 -11.66 10.55 32.05
N GLU C 10 -12.16 11.79 31.95
CA GLU C 10 -11.70 12.97 32.71
C GLU C 10 -12.82 13.94 33.11
N LEU C 11 -12.76 14.41 34.35
CA LEU C 11 -13.66 15.46 34.83
C LEU C 11 -12.91 16.76 34.81
N VAL C 12 -13.60 17.86 34.54
CA VAL C 12 -12.95 19.17 34.55
C VAL C 12 -13.74 20.39 34.98
N LYS C 13 -13.09 21.21 35.80
CA LYS C 13 -13.73 22.41 36.31
C LYS C 13 -13.87 23.37 35.16
N THR C 14 -15.08 23.85 34.90
CA THR C 14 -15.35 24.66 33.71
C THR C 14 -14.35 25.84 33.51
N GLY C 15 -14.04 26.15 32.25
CA GLY C 15 -13.16 27.27 31.98
C GLY C 15 -11.69 26.89 32.06
N ALA C 16 -11.42 25.76 32.69
CA ALA C 16 -10.08 25.24 32.80
C ALA C 16 -9.73 24.29 31.64
N SER C 17 -8.62 23.58 31.79
CA SER C 17 -7.98 22.92 30.66
C SER C 17 -7.69 21.42 30.81
N VAL C 18 -7.80 20.68 29.71
CA VAL C 18 -7.63 19.20 29.75
C VAL C 18 -6.65 18.52 28.74
N LYS C 19 -6.04 17.40 29.14
CA LYS C 19 -5.15 16.73 28.21
C LYS C 19 -5.37 15.23 28.08
N ILE C 20 -5.81 14.86 26.88
CA ILE C 20 -6.37 13.55 26.54
C ILE C 20 -5.63 12.88 25.40
N SER C 21 -5.02 11.73 25.72
CA SER C 21 -4.10 11.06 24.80
C SER C 21 -4.85 10.29 23.73
N CYS C 22 -4.12 9.73 22.76
CA CYS C 22 -4.64 8.88 21.70
C CYS C 22 -3.47 7.95 21.47
N LYS C 23 -3.67 6.64 21.34
CA LYS C 23 -2.50 5.77 21.09
C LYS C 23 -2.59 5.01 19.78
N ALA C 24 -1.43 4.58 19.29
CA ALA C 24 -1.40 3.67 18.13
C ALA C 24 -0.18 2.77 18.01
N SER C 25 -0.49 1.60 17.46
CA SER C 25 0.44 0.69 16.83
C SER C 25 -0.40 0.22 15.65
N GLY C 26 0.21 -0.50 14.70
CA GLY C 26 -0.49 -0.93 13.49
C GLY C 26 -0.17 -0.25 12.17
N TYR C 27 0.96 0.45 12.13
CA TYR C 27 1.38 1.09 10.91
C TYR C 27 2.65 1.91 11.17
N SER C 28 3.18 2.55 10.13
CA SER C 28 4.32 3.44 10.33
C SER C 28 3.61 4.74 10.63
N PHE C 29 3.66 5.13 11.89
CA PHE C 29 2.74 6.13 12.37
C PHE C 29 2.87 7.40 11.55
N THR C 30 4.11 7.64 11.23
CA THR C 30 4.55 8.84 10.57
C THR C 30 3.77 8.90 9.30
N SER C 31 3.03 7.84 9.02
CA SER C 31 2.47 7.70 7.70
C SER C 31 1.04 8.10 7.58
N TYR C 32 0.47 8.65 8.65
CA TYR C 32 -0.92 9.12 8.55
C TYR C 32 -1.37 10.38 9.36
N TYR C 33 -2.23 11.18 8.70
CA TYR C 33 -2.90 12.40 9.21
C TYR C 33 -3.99 11.98 10.21
N MET C 34 -3.97 12.58 11.38
CA MET C 34 -4.82 12.16 12.48
C MET C 34 -6.00 13.14 12.63
N HIS C 35 -7.12 12.66 13.17
CA HIS C 35 -8.23 13.55 13.46
C HIS C 35 -8.76 13.61 14.91
N TRP C 36 -9.80 14.41 15.10
CA TRP C 36 -10.67 14.25 16.26
C TRP C 36 -12.12 14.68 15.94
N VAL C 37 -13.06 13.95 16.50
CA VAL C 37 -14.44 14.19 16.20
C VAL C 37 -15.17 14.46 17.51
N LYS C 38 -15.92 15.57 17.56
CA LYS C 38 -16.85 15.81 18.66
C LYS C 38 -18.15 15.04 18.42
N GLN C 39 -18.49 14.13 19.33
CA GLN C 39 -19.83 13.55 19.35
C GLN C 39 -20.50 14.20 20.55
N SER C 40 -21.42 15.11 20.29
CA SER C 40 -21.95 15.88 21.39
C SER C 40 -23.43 15.60 21.43
N HIS C 41 -24.04 15.81 22.58
CA HIS C 41 -25.44 15.46 22.76
C HIS C 41 -25.60 13.92 22.69
N GLY C 42 -24.52 13.18 22.95
CA GLY C 42 -24.56 11.73 22.87
C GLY C 42 -24.94 11.41 21.43
N LYS C 43 -25.11 12.47 20.62
CA LYS C 43 -25.63 12.37 19.25
C LYS C 43 -24.96 13.18 18.10
N SER C 44 -25.11 14.50 18.10
CA SER C 44 -24.70 15.29 16.94
C SER C 44 -23.23 15.09 16.69
N LEU C 45 -22.82 15.22 15.44
CA LEU C 45 -21.44 14.94 15.07
C LEU C 45 -20.71 16.06 14.35
N GLU C 46 -19.49 16.32 14.83
CA GLU C 46 -18.75 17.50 14.43
C GLU C 46 -17.20 17.29 14.39
N TRP C 47 -16.59 17.82 13.33
CA TRP C 47 -15.14 17.71 13.03
C TRP C 47 -14.31 18.61 13.91
N ILE C 48 -13.35 18.05 14.64
CA ILE C 48 -12.37 18.91 15.29
C ILE C 48 -11.22 19.39 14.38
N GLY C 49 -10.57 18.46 13.68
CA GLY C 49 -9.35 18.77 12.98
C GLY C 49 -8.54 17.66 12.32
N GLU C 50 -7.28 18.00 12.00
CA GLU C 50 -6.28 17.05 11.47
C GLU C 50 -4.85 17.47 11.92
N ILE C 51 -3.95 16.50 12.05
CA ILE C 51 -2.54 16.82 12.14
C ILE C 51 -1.70 15.64 11.72
N ASN C 52 -0.45 15.88 11.36
CA ASN C 52 0.22 15.07 10.36
C ASN C 52 1.72 15.01 10.56
N PRO C 53 2.14 14.11 11.42
CA PRO C 53 3.38 13.54 11.93
C PRO C 53 4.64 13.90 11.15
N TYR C 54 4.60 13.76 9.84
CA TYR C 54 5.79 13.98 9.05
C TYR C 54 5.95 15.46 8.93
N ASN C 55 5.12 16.05 8.07
CA ASN C 55 5.21 17.49 7.81
C ASN C 55 4.79 18.37 9.00
N GLY C 56 4.01 17.82 9.93
CA GLY C 56 3.69 18.58 11.13
C GLY C 56 2.61 19.65 10.94
N GLY C 57 1.65 19.37 10.06
CA GLY C 57 0.54 20.30 9.86
C GLY C 57 -0.47 20.31 10.98
N ALA C 58 -1.29 21.34 11.03
CA ALA C 58 -2.40 21.29 11.94
C ALA C 58 -3.60 22.03 11.43
N SER C 59 -4.75 21.39 11.53
CA SER C 59 -5.99 21.97 11.07
C SER C 59 -6.75 22.43 12.27
N TYR C 60 -7.55 23.47 12.14
CA TYR C 60 -8.49 23.64 13.22
C TYR C 60 -9.70 24.10 12.55
N ASN C 61 -10.82 23.52 12.95
CA ASN C 61 -12.08 23.93 12.40
C ASN C 61 -12.44 25.34 12.83
N GLN C 62 -12.95 26.10 11.88
CA GLN C 62 -13.16 27.51 12.06
C GLN C 62 -13.74 27.74 13.45
N LYS C 63 -14.91 27.18 13.67
CA LYS C 63 -15.64 27.37 14.92
C LYS C 63 -14.79 27.00 16.12
N ILE C 64 -13.72 26.26 15.88
CA ILE C 64 -12.91 25.79 16.98
C ILE C 64 -12.66 26.89 17.99
N LYS C 65 -12.27 28.04 17.51
CA LYS C 65 -11.79 29.07 18.42
C LYS C 65 -10.49 28.66 19.07
N GLY C 66 -9.79 27.77 18.35
CA GLY C 66 -8.41 27.45 18.59
C GLY C 66 -8.19 27.23 20.06
N ARG C 67 -9.23 26.77 20.74
CA ARG C 67 -9.08 26.43 22.15
C ARG C 67 -8.13 25.26 22.11
N ALA C 68 -7.88 24.80 20.89
CA ALA C 68 -7.37 23.47 20.67
C ALA C 68 -5.92 23.51 20.28
N THR C 69 -5.18 22.48 20.67
CA THR C 69 -3.79 22.34 20.31
C THR C 69 -3.60 20.91 19.86
N PHE C 70 -3.29 20.62 18.63
CA PHE C 70 -2.90 19.22 18.46
C PHE C 70 -1.46 19.12 18.93
N THR C 71 -0.81 18.00 18.73
CA THR C 71 0.55 17.86 19.23
C THR C 71 1.00 16.48 18.94
N VAL C 72 2.29 16.22 19.10
CA VAL C 72 2.80 14.86 18.94
C VAL C 72 4.07 14.52 19.68
N ASP C 73 4.31 13.22 19.65
CA ASP C 73 5.55 12.61 20.05
C ASP C 73 5.83 11.64 18.91
N THR C 74 7.04 11.64 18.38
CA THR C 74 7.38 10.63 17.37
C THR C 74 7.87 9.34 17.98
N SER C 75 8.48 9.45 19.15
CA SER C 75 9.14 8.32 19.76
C SER C 75 8.08 7.48 20.40
N SER C 76 6.97 8.13 20.72
CA SER C 76 5.91 7.44 21.43
C SER C 76 4.89 6.84 20.48
N ARG C 77 4.91 7.20 19.21
CA ARG C 77 3.82 6.78 18.36
C ARG C 77 2.52 7.20 19.06
N THR C 78 2.33 8.52 19.21
CA THR C 78 1.18 9.09 19.96
C THR C 78 0.66 10.47 19.50
N ALA C 79 -0.66 10.62 19.56
CA ALA C 79 -1.28 11.88 19.25
C ALA C 79 -1.66 12.48 20.59
N TYR C 80 -1.72 13.79 20.69
CA TYR C 80 -2.35 14.40 21.84
C TYR C 80 -3.53 15.33 21.43
N MET C 81 -4.24 15.86 22.45
CA MET C 81 -5.04 17.08 22.31
C MET C 81 -4.95 17.94 23.58
N GLN C 82 -4.35 19.11 23.46
CA GLN C 82 -4.31 20.11 24.54
C GLN C 82 -5.42 21.04 24.17
N PHE C 83 -6.30 21.28 25.11
CA PHE C 83 -7.56 21.85 24.69
C PHE C 83 -8.07 22.77 25.80
N ASN C 84 -7.67 24.05 25.75
CA ASN C 84 -7.85 25.00 26.86
C ASN C 84 -9.14 25.84 26.84
N SER C 85 -9.34 26.59 27.94
CA SER C 85 -10.65 27.17 28.32
C SER C 85 -11.88 26.29 27.90
N LEU C 86 -12.62 25.76 28.89
CA LEU C 86 -13.68 24.71 28.72
C LEU C 86 -15.16 25.07 29.08
N THR C 87 -16.17 24.33 28.58
CA THR C 87 -17.60 24.67 28.85
C THR C 87 -18.74 23.65 28.75
N SER C 88 -19.88 24.07 29.29
CA SER C 88 -21.10 23.26 29.33
C SER C 88 -21.40 22.57 27.99
N GLU C 89 -21.42 23.34 26.90
CA GLU C 89 -21.73 22.76 25.60
C GLU C 89 -20.69 21.73 25.29
N ASP C 90 -19.49 22.02 25.77
CA ASP C 90 -18.30 21.26 25.43
C ASP C 90 -18.54 19.80 25.53
N SER C 91 -19.12 19.42 26.66
CA SER C 91 -19.09 18.06 27.14
C SER C 91 -19.58 17.11 26.02
N ALA C 92 -18.75 16.13 25.72
CA ALA C 92 -19.07 15.19 24.65
C ALA C 92 -18.11 14.00 24.57
N VAL C 93 -18.23 13.26 23.49
CA VAL C 93 -17.28 12.22 23.23
C VAL C 93 -16.33 12.70 22.13
N TYR C 94 -15.04 12.43 22.32
CA TYR C 94 -13.99 12.92 21.45
C TYR C 94 -13.16 11.77 20.93
N TYR C 95 -13.20 11.55 19.62
CA TYR C 95 -12.51 10.39 19.11
C TYR C 95 -11.36 10.86 18.24
N CYS C 96 -10.54 9.93 17.76
CA CYS C 96 -9.51 10.28 16.78
C CYS C 96 -9.40 9.22 15.72
N ALA C 97 -8.85 9.61 14.58
CA ALA C 97 -8.78 8.71 13.43
C ALA C 97 -7.66 9.04 12.47
N ARG C 98 -7.55 8.25 11.41
CA ARG C 98 -6.53 8.44 10.40
C ARG C 98 -7.18 8.87 9.08
N SER C 99 -6.40 9.53 8.21
CA SER C 99 -6.93 9.93 6.90
C SER C 99 -6.89 8.87 5.77
N ILE C 100 -5.73 8.61 5.14
CA ILE C 100 -4.53 9.45 5.14
C ILE C 100 -3.85 9.05 3.83
N TYR C 101 -2.86 9.79 3.32
CA TYR C 101 -2.29 11.11 3.73
C TYR C 101 -3.12 12.28 3.20
N GLY C 102 -3.04 13.45 3.78
CA GLY C 102 -3.72 14.60 3.21
C GLY C 102 -5.17 14.19 3.00
N HIS C 103 -5.80 14.70 1.96
CA HIS C 103 -7.12 14.22 1.54
C HIS C 103 -8.12 13.96 2.66
N SER C 104 -8.08 14.64 3.80
CA SER C 104 -9.03 14.27 4.85
C SER C 104 -9.41 12.77 4.87
N VAL C 105 -10.66 12.47 5.19
CA VAL C 105 -11.26 11.12 5.00
C VAL C 105 -10.70 9.91 5.79
N LEU C 106 -11.33 9.58 6.91
CA LEU C 106 -10.78 8.61 7.83
C LEU C 106 -11.24 7.18 7.58
N ASP C 107 -10.66 6.27 8.35
CA ASP C 107 -10.93 4.86 8.23
C ASP C 107 -11.17 4.22 9.60
N TYR C 108 -10.11 4.15 10.39
CA TYR C 108 -10.08 3.42 11.65
C TYR C 108 -10.21 4.44 12.77
N TRP C 109 -10.85 4.10 13.87
CA TRP C 109 -10.89 5.05 14.97
C TRP C 109 -10.39 4.39 16.20
N GLY C 110 -10.39 5.16 17.26
CA GLY C 110 -10.08 4.64 18.56
C GLY C 110 -11.38 4.54 19.32
N GLN C 111 -11.28 4.04 20.55
CA GLN C 111 -12.46 3.84 21.34
C GLN C 111 -13.17 5.17 21.44
N GLY C 112 -12.47 6.20 21.89
CA GLY C 112 -13.13 7.45 22.17
C GLY C 112 -12.60 8.22 23.38
N THR C 113 -13.35 9.23 23.81
CA THR C 113 -12.93 10.03 24.95
C THR C 113 -14.11 10.56 25.79
N SER C 114 -13.99 10.36 27.11
CA SER C 114 -15.08 10.64 28.02
C SER C 114 -14.84 11.96 28.67
N VAL C 115 -15.59 12.95 28.25
CA VAL C 115 -15.21 14.28 28.68
C VAL C 115 -16.36 15.20 28.95
N SER C 116 -16.38 15.75 30.17
CA SER C 116 -17.48 16.58 30.61
C SER C 116 -17.01 17.47 31.73
N VAL C 117 -17.70 18.57 31.99
CA VAL C 117 -17.24 19.52 33.01
C VAL C 117 -18.35 20.17 33.73
N SER C 118 -18.13 20.43 35.02
CA SER C 118 -19.11 21.13 35.85
C SER C 118 -18.56 21.63 37.14
N SER C 119 -19.49 22.03 37.97
CA SER C 119 -19.12 22.52 39.27
C SER C 119 -18.84 21.37 40.29
N ALA C 120 -19.87 20.66 40.78
CA ALA C 120 -19.71 19.82 42.00
C ALA C 120 -18.67 18.71 41.87
N LYS C 121 -17.66 18.78 42.73
CA LYS C 121 -16.45 17.97 42.61
C LYS C 121 -16.81 16.52 42.89
N THR C 122 -15.90 15.62 42.58
CA THR C 122 -16.20 14.20 42.52
C THR C 122 -16.92 13.67 43.76
N THR C 123 -18.08 13.06 43.55
CA THR C 123 -18.86 12.40 44.60
C THR C 123 -19.03 10.91 44.36
N PRO C 124 -18.28 10.09 45.10
CA PRO C 124 -18.41 8.64 44.99
C PRO C 124 -19.79 8.30 45.54
N PRO C 125 -20.37 7.19 45.09
CA PRO C 125 -21.76 6.81 45.41
C PRO C 125 -21.97 5.94 46.65
N SER C 126 -23.24 5.65 46.91
CA SER C 126 -23.61 4.58 47.79
C SER C 126 -24.44 3.65 46.93
N VAL C 127 -24.16 2.36 47.04
CA VAL C 127 -24.86 1.36 46.23
C VAL C 127 -25.83 0.55 47.06
N TYR C 128 -26.97 0.27 46.45
CA TYR C 128 -28.08 -0.33 47.16
C TYR C 128 -28.42 -1.74 46.65
N PRO C 129 -28.07 -2.77 47.45
CA PRO C 129 -28.11 -4.16 46.99
C PRO C 129 -29.54 -4.63 46.83
N LEU C 130 -30.18 -4.22 45.74
CA LEU C 130 -31.57 -4.58 45.54
C LEU C 130 -31.70 -6.07 45.26
N ALA C 131 -32.51 -6.71 46.11
CA ALA C 131 -32.86 -8.13 46.01
C ALA C 131 -34.26 -8.34 46.57
N PRO C 132 -34.91 -9.46 46.20
CA PRO C 132 -36.31 -9.67 46.60
C PRO C 132 -36.52 -9.76 48.12
N GLY C 133 -37.79 -9.64 48.55
CA GLY C 133 -38.16 -9.75 49.95
C GLY C 133 -39.30 -10.74 50.20
N SER C 140 -39.13 -21.16 36.09
CA SER C 140 -38.76 -20.48 37.32
C SER C 140 -37.35 -19.91 37.19
N MET C 141 -37.26 -18.58 37.24
CA MET C 141 -35.99 -17.87 37.09
C MET C 141 -35.85 -16.76 38.15
N VAL C 142 -34.72 -16.04 38.16
CA VAL C 142 -34.45 -15.00 39.17
C VAL C 142 -33.48 -13.86 38.76
N THR C 143 -33.73 -12.65 39.27
CA THR C 143 -33.02 -11.43 38.87
C THR C 143 -32.33 -10.70 40.04
N LEU C 144 -31.28 -9.90 39.76
CA LEU C 144 -30.52 -9.25 40.85
C LEU C 144 -30.38 -7.74 40.79
N GLY C 145 -31.05 -7.04 41.71
CA GLY C 145 -31.00 -5.59 41.82
C GLY C 145 -29.69 -5.05 42.35
N CYS C 146 -29.10 -4.12 41.59
CA CYS C 146 -27.90 -3.36 41.99
C CYS C 146 -28.04 -1.89 41.64
N LEU C 147 -28.10 -1.04 42.66
CA LEU C 147 -28.53 0.33 42.49
C LEU C 147 -27.39 1.27 42.82
N VAL C 148 -26.81 1.88 41.79
CA VAL C 148 -25.77 2.87 42.01
C VAL C 148 -26.41 4.21 42.14
N LYS C 149 -26.31 4.82 43.31
CA LYS C 149 -26.96 6.12 43.50
C LYS C 149 -26.31 7.11 44.46
N GLY C 150 -26.46 8.39 44.13
CA GLY C 150 -25.88 9.48 44.86
C GLY C 150 -24.50 9.92 44.35
N TYR C 151 -24.04 9.34 43.25
CA TYR C 151 -22.66 9.61 42.82
C TYR C 151 -22.66 10.55 41.69
N PHE C 152 -21.55 11.28 41.65
CA PHE C 152 -21.34 12.33 40.69
C PHE C 152 -19.94 12.91 40.85
N PRO C 153 -19.31 13.24 39.73
CA PRO C 153 -19.82 13.10 38.37
C PRO C 153 -19.31 11.80 37.79
N GLU C 154 -19.58 11.56 36.52
CA GLU C 154 -19.02 10.42 35.81
C GLU C 154 -17.48 10.29 35.95
N PRO C 155 -16.93 9.09 35.68
CA PRO C 155 -17.71 7.94 35.19
C PRO C 155 -18.11 6.95 36.27
N VAL C 156 -19.00 6.02 35.91
CA VAL C 156 -19.21 4.78 36.66
C VAL C 156 -19.85 3.61 35.85
N THR C 157 -19.30 2.41 36.07
CA THR C 157 -19.81 1.11 35.55
C THR C 157 -19.75 -0.05 36.57
N VAL C 158 -20.38 -1.18 36.21
CA VAL C 158 -20.48 -2.36 37.08
C VAL C 158 -20.40 -3.70 36.35
N THR C 159 -19.95 -4.74 37.07
CA THR C 159 -19.95 -6.12 36.57
C THR C 159 -20.35 -7.13 37.64
N TRP C 160 -20.87 -8.28 37.21
CA TRP C 160 -21.35 -9.30 38.14
C TRP C 160 -20.29 -10.34 38.53
N ASN C 161 -20.17 -10.59 39.83
CA ASN C 161 -19.29 -11.62 40.38
C ASN C 161 -17.94 -11.56 39.73
N SER C 162 -17.43 -10.34 39.67
CA SER C 162 -16.17 -10.11 39.00
C SER C 162 -16.37 -10.36 37.50
N GLY C 163 -17.55 -10.01 37.00
CA GLY C 163 -17.81 -9.98 35.57
C GLY C 163 -18.02 -11.34 34.93
N SER C 164 -18.04 -12.37 35.76
CA SER C 164 -18.29 -13.72 35.27
C SER C 164 -19.54 -13.71 34.40
N LEU C 165 -20.69 -13.39 35.02
CA LEU C 165 -21.97 -13.37 34.33
C LEU C 165 -21.98 -12.26 33.31
N SER C 166 -22.16 -12.64 32.06
CA SER C 166 -22.03 -11.70 30.98
C SER C 166 -23.30 -11.65 30.15
N SER C 167 -23.49 -12.70 29.35
CA SER C 167 -24.57 -12.73 28.39
C SER C 167 -25.91 -12.47 29.08
N GLY C 168 -26.80 -11.76 28.39
CA GLY C 168 -28.14 -11.51 28.90
C GLY C 168 -28.17 -10.64 30.13
N VAL C 169 -27.01 -10.24 30.66
CA VAL C 169 -27.01 -9.36 31.81
C VAL C 169 -27.32 -7.93 31.33
N HIS C 170 -28.01 -7.16 32.17
CA HIS C 170 -28.59 -5.87 31.75
C HIS C 170 -28.30 -4.73 32.73
N THR C 171 -27.71 -3.64 32.25
CA THR C 171 -27.64 -2.40 33.05
C THR C 171 -28.33 -1.24 32.37
N PHE C 172 -28.73 -0.27 33.17
CA PHE C 172 -29.40 0.88 32.64
C PHE C 172 -28.59 2.13 32.92
N PRO C 173 -28.65 3.05 31.95
CA PRO C 173 -27.93 4.30 31.67
C PRO C 173 -27.95 5.26 32.82
N ALA C 174 -26.78 5.76 33.22
CA ALA C 174 -26.71 6.42 34.50
C ALA C 174 -27.81 7.44 34.47
N VAL C 175 -28.75 7.35 35.41
CA VAL C 175 -29.78 8.36 35.48
C VAL C 175 -29.12 9.57 36.10
N LEU C 176 -29.77 10.71 35.95
CA LEU C 176 -29.25 11.93 36.53
C LEU C 176 -30.33 12.95 36.85
N GLN C 177 -30.06 13.76 37.85
CA GLN C 177 -30.98 14.79 38.28
C GLN C 177 -30.38 15.39 39.54
N SER C 178 -30.84 16.57 39.94
CA SER C 178 -30.40 17.18 41.21
C SER C 178 -28.89 17.05 41.44
N ASP C 179 -28.10 17.09 40.35
CA ASP C 179 -26.64 17.02 40.39
C ASP C 179 -26.03 15.70 40.87
N LEU C 180 -26.70 14.59 40.59
CA LEU C 180 -26.17 13.25 40.92
C LEU C 180 -26.68 12.20 39.95
N TYR C 181 -25.91 11.14 39.75
CA TYR C 181 -26.39 10.05 38.93
C TYR C 181 -26.94 8.99 39.85
N THR C 182 -28.02 8.34 39.42
CA THR C 182 -28.63 7.17 40.08
C THR C 182 -29.00 6.15 39.00
N LEU C 183 -28.41 4.96 39.03
CA LEU C 183 -28.61 4.02 37.93
C LEU C 183 -29.13 2.63 38.30
N SER C 184 -29.31 1.79 37.29
CA SER C 184 -29.87 0.45 37.49
C SER C 184 -29.12 -0.64 36.74
N SER C 185 -28.91 -1.77 37.41
CA SER C 185 -28.08 -2.86 36.93
C SER C 185 -28.70 -4.20 37.28
N SER C 186 -28.82 -5.11 36.31
CA SER C 186 -29.42 -6.43 36.61
C SER C 186 -28.99 -7.60 35.72
N VAL C 187 -29.04 -8.80 36.29
CA VAL C 187 -28.85 -10.00 35.49
C VAL C 187 -29.71 -11.15 36.05
N THR C 188 -30.17 -12.04 35.18
CA THR C 188 -31.11 -13.09 35.56
C THR C 188 -30.49 -14.50 35.60
N VAL C 189 -30.96 -15.31 36.54
CA VAL C 189 -30.52 -16.71 36.69
C VAL C 189 -31.61 -17.65 37.26
N PRO C 190 -31.48 -18.97 37.03
CA PRO C 190 -32.45 -20.03 37.40
C PRO C 190 -32.84 -20.07 38.89
N SER C 191 -34.07 -20.49 39.19
CA SER C 191 -34.57 -20.56 40.57
C SER C 191 -33.72 -21.55 41.36
N SER C 192 -32.85 -22.26 40.64
CA SER C 192 -31.93 -23.21 41.22
C SER C 192 -30.56 -22.59 41.44
N THR C 193 -30.41 -21.34 41.03
CA THR C 193 -29.10 -20.73 40.95
C THR C 193 -28.68 -19.85 42.16
N TRP C 194 -29.53 -19.79 43.18
CA TRP C 194 -29.43 -18.77 44.23
C TRP C 194 -30.43 -19.15 45.31
N PRO C 195 -30.19 -18.70 46.56
CA PRO C 195 -28.99 -18.00 47.01
C PRO C 195 -27.85 -18.96 47.20
N SER C 196 -27.62 -19.75 46.17
CA SER C 196 -26.76 -20.89 46.32
C SER C 196 -25.38 -20.35 46.46
N GLN C 197 -24.86 -19.84 45.36
CA GLN C 197 -23.49 -19.36 45.31
C GLN C 197 -23.46 -17.83 45.34
N THR C 198 -23.05 -17.25 46.48
CA THR C 198 -23.29 -15.83 46.76
C THR C 198 -22.89 -14.86 45.63
N VAL C 199 -23.74 -13.86 45.40
CA VAL C 199 -23.54 -12.96 44.27
C VAL C 199 -23.14 -11.54 44.65
N THR C 200 -22.00 -11.13 44.10
CA THR C 200 -21.42 -9.82 44.29
C THR C 200 -21.42 -9.14 42.95
N CYS C 201 -22.17 -8.06 42.80
CA CYS C 201 -21.92 -7.18 41.66
C CYS C 201 -20.74 -6.30 42.05
N ASN C 202 -19.73 -6.23 41.18
CA ASN C 202 -18.56 -5.34 41.36
C ASN C 202 -18.83 -3.97 40.71
N VAL C 203 -18.62 -2.87 41.45
CA VAL C 203 -18.85 -1.49 40.95
C VAL C 203 -17.74 -0.47 41.33
N ALA C 204 -17.35 0.38 40.36
CA ALA C 204 -16.19 1.28 40.51
C ALA C 204 -16.41 2.73 40.03
N HIS C 205 -15.59 3.64 40.57
CA HIS C 205 -15.75 5.10 40.41
C HIS C 205 -14.45 5.89 40.19
N PRO C 206 -13.98 6.01 38.93
CA PRO C 206 -12.71 6.70 38.68
C PRO C 206 -12.76 8.14 39.19
N ALA C 207 -13.88 8.81 39.00
CA ALA C 207 -14.00 10.19 39.44
C ALA C 207 -13.49 10.29 40.88
N SER C 208 -13.87 9.31 41.70
CA SER C 208 -13.42 9.25 43.11
C SER C 208 -12.23 8.32 43.40
N SER C 209 -11.76 7.60 42.38
CA SER C 209 -10.60 6.72 42.51
C SER C 209 -10.77 5.48 43.39
N THR C 210 -12.01 5.05 43.62
CA THR C 210 -12.24 3.91 44.52
C THR C 210 -13.22 2.84 44.02
N LYS C 211 -12.94 1.61 44.38
CA LYS C 211 -13.58 0.41 43.84
C LYS C 211 -14.43 -0.14 44.97
N VAL C 212 -15.45 -0.94 44.64
CA VAL C 212 -16.29 -1.58 45.66
C VAL C 212 -16.98 -2.90 45.24
N ASP C 213 -17.34 -3.71 46.23
CA ASP C 213 -17.97 -5.00 45.99
C ASP C 213 -19.29 -5.17 46.80
N LYS C 214 -20.41 -5.32 46.09
CA LYS C 214 -21.71 -5.47 46.76
C LYS C 214 -22.28 -6.86 46.59
N LYS C 215 -22.29 -7.59 47.70
CA LYS C 215 -22.89 -8.90 47.72
C LYS C 215 -24.40 -8.78 47.86
N ILE C 216 -25.09 -9.54 47.03
CA ILE C 216 -26.53 -9.67 47.10
C ILE C 216 -26.88 -10.26 48.46
N VAL C 217 -27.95 -9.75 49.07
CA VAL C 217 -28.22 -10.01 50.48
C VAL C 217 -29.68 -10.38 50.87
N PRO C 218 -30.25 -11.45 50.27
CA PRO C 218 -31.65 -11.92 50.53
C PRO C 218 -32.03 -12.08 51.99
N ASP D 1 -18.86 25.41 5.06
CA ASP D 1 -19.43 24.25 5.75
C ASP D 1 -20.65 23.69 5.04
N VAL D 2 -20.50 22.56 4.39
CA VAL D 2 -21.65 21.95 3.76
C VAL D 2 -22.54 21.33 4.79
N VAL D 3 -23.77 21.04 4.36
CA VAL D 3 -24.76 20.36 5.16
C VAL D 3 -24.70 18.87 4.90
N MET D 4 -24.72 18.09 5.97
CA MET D 4 -24.91 16.67 5.80
C MET D 4 -26.25 16.27 6.43
N THR D 5 -27.18 15.90 5.57
CA THR D 5 -28.55 15.60 5.95
C THR D 5 -28.92 14.21 5.45
N GLN D 6 -29.28 13.31 6.36
CA GLN D 6 -29.57 11.94 5.98
C GLN D 6 -31.07 11.64 6.10
N THR D 7 -31.59 10.75 5.25
CA THR D 7 -32.96 10.23 5.41
C THR D 7 -33.06 8.78 4.92
N PRO D 8 -33.94 8.01 5.56
CA PRO D 8 -34.76 8.50 6.68
C PRO D 8 -33.94 8.62 7.95
N LEU D 9 -34.33 9.56 8.81
CA LEU D 9 -33.68 9.77 10.10
C LEU D 9 -34.11 8.70 11.08
N THR D 10 -35.35 8.24 10.88
CA THR D 10 -35.96 7.18 11.67
C THR D 10 -36.18 5.96 10.77
N LEU D 11 -35.37 4.91 10.96
CA LEU D 11 -35.60 3.67 10.24
C LEU D 11 -35.33 2.39 11.03
N SER D 12 -36.36 1.56 11.17
CA SER D 12 -36.19 0.20 11.66
C SER D 12 -36.32 -0.66 10.42
N VAL D 13 -35.62 -1.78 10.44
CA VAL D 13 -35.76 -2.76 9.38
C VAL D 13 -35.88 -4.13 9.99
N THR D 14 -36.37 -5.00 9.16
CA THR D 14 -36.63 -6.35 9.52
C THR D 14 -35.56 -7.17 8.79
N ILE D 15 -35.21 -8.30 9.37
CA ILE D 15 -34.10 -9.09 8.88
C ILE D 15 -34.37 -9.52 7.44
N GLY D 16 -33.32 -9.80 6.69
CA GLY D 16 -33.50 -10.20 5.31
C GLY D 16 -34.18 -9.10 4.51
N GLN D 17 -34.42 -7.97 5.17
CA GLN D 17 -35.10 -6.81 4.57
C GLN D 17 -34.24 -5.68 3.99
N PRO D 18 -34.82 -4.90 3.05
CA PRO D 18 -34.11 -3.86 2.31
C PRO D 18 -33.84 -2.71 3.25
N ALA D 19 -32.63 -2.14 3.18
CA ALA D 19 -32.30 -0.92 3.90
C ALA D 19 -31.67 0.05 2.92
N SER D 20 -32.35 1.16 2.67
CA SER D 20 -31.79 2.19 1.80
C SER D 20 -31.83 3.53 2.53
N ILE D 21 -30.67 4.05 2.95
CA ILE D 21 -30.65 5.41 3.45
C ILE D 21 -30.15 6.28 2.34
N SER D 22 -30.28 7.59 2.54
CA SER D 22 -29.93 8.56 1.51
C SER D 22 -29.34 9.79 2.17
N CYS D 23 -28.26 10.32 1.59
CA CYS D 23 -27.53 11.43 2.18
C CYS D 23 -27.49 12.63 1.22
N LYS D 24 -27.43 13.85 1.76
CA LYS D 24 -27.39 15.04 0.91
C LYS D 24 -26.37 16.09 1.32
N SER D 25 -25.87 16.81 0.32
CA SER D 25 -24.78 17.75 0.51
C SER D 25 -25.19 19.08 -0.09
N SER D 26 -24.79 20.17 0.55
CA SER D 26 -25.24 21.44 0.04
C SER D 26 -24.79 21.60 -1.40
N GLN D 27 -23.49 21.76 -1.62
CA GLN D 27 -22.91 21.86 -2.96
C GLN D 27 -22.50 20.48 -3.39
N SER D 28 -21.69 20.41 -4.43
CA SER D 28 -21.13 19.15 -4.83
C SER D 28 -20.24 18.62 -3.76
N LEU D 29 -19.80 17.39 -3.97
CA LEU D 29 -18.79 16.85 -3.12
C LEU D 29 -17.72 16.27 -4.02
N LEU D 30 -17.19 17.06 -4.94
CA LEU D 30 -16.16 16.49 -5.80
C LEU D 30 -14.88 17.30 -5.99
N ASP D 31 -13.83 16.90 -5.29
CA ASP D 31 -12.59 17.70 -5.20
C ASP D 31 -11.81 17.90 -6.51
N SER D 32 -11.04 18.99 -6.57
CA SER D 32 -10.31 19.36 -7.78
C SER D 32 -9.43 18.21 -8.32
N ASP D 33 -9.42 17.08 -7.62
CA ASP D 33 -8.68 15.90 -8.08
C ASP D 33 -9.54 14.99 -8.95
N GLY D 34 -10.81 15.31 -9.07
CA GLY D 34 -11.72 14.47 -9.81
C GLY D 34 -11.86 13.11 -9.15
N LYS D 35 -12.26 13.14 -7.87
CA LYS D 35 -12.66 11.95 -7.11
C LYS D 35 -13.60 12.43 -5.99
N THR D 36 -14.38 11.53 -5.36
CA THR D 36 -15.26 12.00 -4.29
C THR D 36 -15.33 11.21 -2.98
N TYR D 37 -14.91 11.91 -1.93
CA TYR D 37 -14.53 11.35 -0.63
C TYR D 37 -15.74 10.97 0.22
N LEU D 38 -16.92 11.29 -0.29
CA LEU D 38 -18.11 11.20 0.50
C LEU D 38 -18.03 9.84 1.14
N ASN D 39 -18.50 9.71 2.38
CA ASN D 39 -18.50 8.35 2.92
C ASN D 39 -19.59 7.92 3.91
N TRP D 40 -19.42 6.69 4.39
CA TRP D 40 -20.32 6.07 5.35
C TRP D 40 -19.55 5.44 6.52
N LEU D 41 -19.83 5.93 7.71
CA LEU D 41 -19.16 5.49 8.91
C LEU D 41 -20.21 5.14 9.91
N LEU D 42 -20.19 3.90 10.42
CA LEU D 42 -21.11 3.43 11.48
C LEU D 42 -20.52 3.27 12.89
N GLN D 43 -21.37 3.56 13.87
CA GLN D 43 -21.06 3.26 15.25
C GLN D 43 -21.96 2.11 15.70
N ARG D 44 -21.38 0.92 15.90
CA ARG D 44 -22.11 -0.22 16.47
C ARG D 44 -22.05 -0.19 17.98
N PRO D 45 -23.22 -0.14 18.63
CA PRO D 45 -23.33 0.33 20.02
C PRO D 45 -22.37 -0.36 20.99
N GLY D 46 -21.96 0.34 22.05
CA GLY D 46 -21.12 -0.24 23.10
C GLY D 46 -19.74 -0.60 22.61
N GLN D 47 -19.45 -0.20 21.39
CA GLN D 47 -18.12 -0.33 20.81
C GLN D 47 -17.77 1.02 20.22
N SER D 48 -16.71 1.03 19.45
CA SER D 48 -16.26 2.28 18.89
C SER D 48 -16.59 2.21 17.43
N PRO D 49 -16.84 3.36 16.83
CA PRO D 49 -17.36 3.52 15.47
C PRO D 49 -16.38 2.95 14.47
N LYS D 50 -16.84 2.56 13.27
CA LYS D 50 -15.94 2.00 12.25
C LYS D 50 -16.35 2.37 10.80
N ARG D 51 -15.41 2.35 9.86
CA ARG D 51 -15.64 2.87 8.51
C ARG D 51 -16.33 1.79 7.72
N LEU D 52 -17.54 2.05 7.28
CA LEU D 52 -18.23 1.10 6.43
C LEU D 52 -17.87 1.25 4.96
N ILE D 53 -17.84 2.53 4.56
CA ILE D 53 -17.53 2.91 3.20
C ILE D 53 -16.75 4.20 3.15
N TYR D 54 -16.21 4.45 1.96
CA TYR D 54 -15.63 5.72 1.61
C TYR D 54 -15.73 5.76 0.11
N LEU D 55 -15.61 6.95 -0.45
CA LEU D 55 -15.65 7.01 -1.89
C LEU D 55 -17.00 6.64 -2.41
N VAL D 56 -18.02 6.72 -1.59
CA VAL D 56 -19.38 6.59 -2.09
C VAL D 56 -19.71 5.20 -2.68
N SER D 57 -18.70 4.35 -2.86
CA SER D 57 -18.98 2.94 -3.14
C SER D 57 -18.06 2.07 -2.34
N LYS D 58 -16.78 2.27 -2.63
CA LYS D 58 -15.71 1.35 -2.29
C LYS D 58 -15.66 0.92 -0.82
N LEU D 59 -15.60 -0.39 -0.61
CA LEU D 59 -15.90 -1.00 0.68
C LEU D 59 -14.70 -1.45 1.44
N ASP D 60 -14.76 -1.25 2.75
CA ASP D 60 -13.62 -1.57 3.58
C ASP D 60 -13.40 -3.07 3.59
N SER D 61 -12.20 -3.45 4.06
CA SER D 61 -11.73 -4.84 4.03
C SER D 61 -12.77 -5.88 4.48
N GLY D 62 -13.11 -5.87 5.76
CA GLY D 62 -13.99 -6.86 6.32
C GLY D 62 -15.44 -6.53 6.06
N VAL D 63 -15.67 -5.64 5.11
CA VAL D 63 -17.03 -5.26 4.73
C VAL D 63 -17.56 -6.18 3.65
N PRO D 64 -18.74 -6.78 3.88
CA PRO D 64 -19.44 -7.64 2.92
C PRO D 64 -20.18 -6.83 1.85
N ASP D 65 -20.54 -7.50 0.77
CA ASP D 65 -21.16 -6.87 -0.39
C ASP D 65 -22.56 -6.41 -0.08
N ARG D 66 -23.13 -6.96 1.00
CA ARG D 66 -24.53 -6.73 1.32
C ARG D 66 -24.80 -5.23 1.25
N PHE D 67 -23.76 -4.44 1.45
CA PHE D 67 -23.87 -3.00 1.36
C PHE D 67 -23.53 -2.60 -0.05
N THR D 68 -24.25 -1.62 -0.57
CA THR D 68 -23.85 -1.05 -1.85
C THR D 68 -24.00 0.47 -1.84
N GLY D 69 -22.89 1.15 -2.11
CA GLY D 69 -22.86 2.60 -2.14
C GLY D 69 -23.12 3.19 -3.50
N SER D 70 -23.70 4.38 -3.50
CA SER D 70 -24.17 4.97 -4.74
C SER D 70 -24.32 6.47 -4.61
N GLY D 71 -24.95 7.05 -5.62
CA GLY D 71 -25.21 8.46 -5.64
C GLY D 71 -24.11 9.24 -6.33
N SER D 72 -24.34 10.53 -6.52
CA SER D 72 -23.37 11.43 -7.10
C SER D 72 -23.98 12.80 -6.92
N GLY D 73 -23.29 13.85 -7.33
CA GLY D 73 -23.83 15.18 -7.18
C GLY D 73 -24.25 15.49 -5.75
N THR D 74 -25.33 16.24 -5.59
CA THR D 74 -25.79 16.66 -4.27
C THR D 74 -26.52 15.53 -3.59
N ASP D 75 -26.75 14.45 -4.32
CA ASP D 75 -27.51 13.33 -3.80
C ASP D 75 -26.68 12.07 -3.70
N PHE D 76 -27.09 11.17 -2.81
CA PHE D 76 -26.39 9.91 -2.62
C PHE D 76 -27.33 8.81 -2.11
N THR D 77 -26.88 7.57 -2.24
CA THR D 77 -27.68 6.45 -1.80
C THR D 77 -26.84 5.31 -1.23
N LEU D 78 -27.35 4.71 -0.18
CA LEU D 78 -26.72 3.56 0.43
C LEU D 78 -27.68 2.40 0.26
N LYS D 79 -27.15 1.17 0.11
CA LYS D 79 -28.02 0.00 -0.01
C LYS D 79 -27.56 -1.28 0.71
N ILE D 80 -28.52 -1.96 1.37
CA ILE D 80 -28.33 -3.31 1.93
C ILE D 80 -29.55 -4.23 1.77
N SER D 81 -29.35 -5.40 1.16
CA SER D 81 -30.43 -6.36 0.98
C SER D 81 -30.60 -7.12 2.25
N ARG D 82 -29.58 -7.92 2.59
CA ARG D 82 -29.69 -8.76 3.75
C ARG D 82 -29.29 -7.86 4.89
N VAL D 83 -30.29 -7.51 5.69
CA VAL D 83 -30.10 -6.75 6.91
C VAL D 83 -30.03 -7.76 8.05
N GLU D 84 -29.19 -7.50 9.02
CA GLU D 84 -28.92 -8.52 10.02
C GLU D 84 -28.84 -7.86 11.38
N ALA D 85 -28.38 -8.58 12.41
CA ALA D 85 -28.24 -8.00 13.75
C ALA D 85 -26.95 -7.19 13.97
N GLU D 86 -25.92 -7.47 13.17
CA GLU D 86 -24.70 -6.69 13.21
C GLU D 86 -25.08 -5.23 12.97
N ASP D 87 -25.94 -5.07 11.98
CA ASP D 87 -26.34 -3.78 11.44
C ASP D 87 -27.11 -2.95 12.47
N LEU D 88 -27.46 -3.58 13.58
CA LEU D 88 -27.99 -2.82 14.70
C LEU D 88 -26.88 -1.87 15.07
N GLY D 89 -27.25 -0.62 15.31
CA GLY D 89 -26.30 0.43 15.62
C GLY D 89 -26.76 1.78 15.11
N VAL D 90 -25.84 2.74 15.05
CA VAL D 90 -26.14 4.10 14.61
C VAL D 90 -25.53 4.35 13.24
N TYR D 91 -26.21 5.15 12.42
CA TYR D 91 -25.77 5.36 11.03
C TYR D 91 -25.47 6.82 10.57
N TYR D 92 -24.18 7.11 10.33
CA TYR D 92 -23.67 8.46 10.04
C TYR D 92 -23.00 8.55 8.62
N CYS D 93 -23.27 9.64 7.87
CA CYS D 93 -22.55 9.96 6.61
C CYS D 93 -21.80 11.35 6.51
N TRP D 94 -20.50 11.27 6.25
CA TRP D 94 -19.61 12.41 6.28
C TRP D 94 -18.79 12.51 4.98
N GLN D 95 -18.63 13.74 4.50
CA GLN D 95 -17.81 14.06 3.34
C GLN D 95 -16.44 14.69 3.73
N GLY D 96 -15.37 14.08 3.22
CA GLY D 96 -14.02 14.58 3.41
C GLY D 96 -13.61 15.47 2.25
N THR D 97 -14.61 15.99 1.55
CA THR D 97 -14.40 16.82 0.38
C THR D 97 -14.48 18.35 0.58
N HIS D 98 -14.56 18.81 1.81
CA HIS D 98 -14.24 20.22 2.08
C HIS D 98 -13.69 20.31 3.47
N PHE D 99 -12.74 21.20 3.72
CA PHE D 99 -12.54 21.55 5.11
C PHE D 99 -13.52 22.67 5.41
N PRO D 100 -14.18 22.59 6.56
CA PRO D 100 -14.04 21.52 7.56
C PRO D 100 -14.87 20.31 7.18
N LEU D 101 -14.53 19.12 7.67
CA LEU D 101 -15.29 17.92 7.32
C LEU D 101 -16.67 18.04 7.85
N THR D 102 -17.56 17.32 7.18
CA THR D 102 -18.96 17.34 7.57
C THR D 102 -19.56 15.96 7.95
N PHE D 103 -20.56 16.03 8.80
CA PHE D 103 -21.19 14.84 9.32
C PHE D 103 -22.68 14.92 9.11
N GLY D 104 -23.23 13.84 8.57
CA GLY D 104 -24.65 13.73 8.39
C GLY D 104 -25.27 13.66 9.77
N ALA D 105 -26.54 13.26 9.82
CA ALA D 105 -27.32 13.38 11.03
C ALA D 105 -27.02 12.37 12.15
N GLY D 106 -26.81 11.10 11.76
CA GLY D 106 -27.11 9.98 12.66
C GLY D 106 -28.32 9.02 12.49
N THR D 107 -28.73 8.73 11.25
CA THR D 107 -29.80 7.75 11.02
C THR D 107 -29.61 6.47 11.83
N LYS D 108 -30.65 6.07 12.57
CA LYS D 108 -30.52 4.97 13.53
C LYS D 108 -31.30 3.73 13.16
N LEU D 109 -30.66 2.60 13.34
CA LEU D 109 -31.20 1.38 12.78
C LEU D 109 -31.61 0.37 13.83
N GLU D 110 -32.71 -0.32 13.54
CA GLU D 110 -33.16 -1.43 14.34
C GLU D 110 -33.40 -2.66 13.49
N LEU D 111 -33.77 -3.73 14.17
CA LEU D 111 -34.24 -4.91 13.49
C LEU D 111 -35.59 -5.18 14.12
N LYS D 112 -36.63 -5.20 13.31
CA LYS D 112 -37.94 -5.52 13.83
C LYS D 112 -38.01 -7.02 14.13
N ARG D 113 -38.53 -7.37 15.31
CA ARG D 113 -38.67 -8.77 15.73
C ARG D 113 -40.02 -9.04 16.37
N ALA D 114 -40.27 -10.27 16.80
CA ALA D 114 -41.57 -10.60 17.35
C ALA D 114 -41.73 -10.00 18.75
N ASP D 115 -42.91 -10.15 19.33
CA ASP D 115 -43.20 -9.59 20.65
C ASP D 115 -42.80 -10.57 21.76
N ALA D 116 -42.38 -10.05 22.91
CA ALA D 116 -42.16 -10.92 24.07
C ALA D 116 -42.39 -10.22 25.41
N ALA D 117 -42.53 -11.03 26.45
CA ALA D 117 -42.93 -10.48 27.73
C ALA D 117 -41.72 -10.02 28.49
N PRO D 118 -41.79 -8.77 28.93
CA PRO D 118 -40.87 -8.21 29.91
C PRO D 118 -40.97 -9.05 31.14
N THR D 119 -39.82 -9.51 31.63
CA THR D 119 -39.71 -10.37 32.79
C THR D 119 -39.44 -9.51 34.04
N VAL D 120 -40.44 -9.36 34.91
CA VAL D 120 -40.38 -8.33 35.95
C VAL D 120 -40.14 -8.76 37.39
N SER D 121 -39.37 -7.92 38.07
CA SER D 121 -39.09 -8.01 39.48
C SER D 121 -39.32 -6.60 39.98
N ILE D 122 -39.51 -6.45 41.29
CA ILE D 122 -39.63 -5.14 41.90
C ILE D 122 -39.02 -5.31 43.26
N PHE D 123 -38.31 -4.33 43.78
CA PHE D 123 -37.53 -4.63 44.98
C PHE D 123 -37.76 -3.70 46.15
N PRO D 124 -37.35 -4.14 47.35
CA PRO D 124 -37.23 -3.36 48.58
C PRO D 124 -35.96 -2.55 48.56
N PRO D 125 -36.03 -1.35 49.14
CA PRO D 125 -34.81 -0.58 49.38
C PRO D 125 -33.93 -1.36 50.33
N SER D 126 -32.68 -1.58 49.96
CA SER D 126 -31.75 -2.23 50.85
C SER D 126 -31.67 -1.48 52.18
N SER D 127 -31.38 -2.18 53.27
CA SER D 127 -31.21 -1.52 54.55
C SER D 127 -30.29 -0.33 54.35
N GLU D 128 -29.23 -0.61 53.61
CA GLU D 128 -28.09 0.28 53.42
C GLU D 128 -28.47 1.65 52.80
N GLN D 129 -29.56 1.69 52.04
CA GLN D 129 -30.15 2.93 51.54
C GLN D 129 -31.07 3.53 52.62
N LEU D 130 -31.48 2.68 53.54
CA LEU D 130 -32.40 3.02 54.62
C LEU D 130 -31.67 3.46 55.86
N THR D 131 -30.35 3.32 55.85
CA THR D 131 -29.45 3.87 56.84
C THR D 131 -29.11 5.34 56.54
N SER D 132 -28.94 5.62 55.26
CA SER D 132 -28.64 6.96 54.80
C SER D 132 -29.91 7.85 54.71
N GLY D 133 -31.06 7.21 54.53
CA GLY D 133 -32.34 7.91 54.50
C GLY D 133 -33.16 8.01 53.22
N GLY D 134 -32.59 7.57 52.10
CA GLY D 134 -33.38 7.53 50.89
C GLY D 134 -34.00 6.16 50.75
N ALA D 135 -35.16 6.09 50.11
CA ALA D 135 -35.76 4.79 49.86
C ALA D 135 -36.30 4.55 48.44
N SER D 136 -35.68 3.62 47.71
CA SER D 136 -35.94 3.54 46.28
C SER D 136 -36.37 2.18 45.77
N VAL D 137 -37.60 2.08 45.29
CA VAL D 137 -37.96 0.83 44.65
C VAL D 137 -38.00 0.77 43.15
N VAL D 138 -37.28 -0.22 42.65
CA VAL D 138 -37.18 -0.55 41.24
C VAL D 138 -38.42 -1.24 40.70
N CYS D 139 -38.66 -1.06 39.41
CA CYS D 139 -39.47 -1.98 38.61
C CYS D 139 -38.65 -2.26 37.35
N PHE D 140 -38.12 -3.46 37.22
CA PHE D 140 -37.39 -3.85 36.03
C PHE D 140 -38.37 -4.30 34.95
N LEU D 141 -38.01 -4.05 33.69
CA LEU D 141 -38.67 -4.70 32.58
C LEU D 141 -37.58 -5.10 31.63
N ASN D 142 -37.38 -6.39 31.45
CA ASN D 142 -36.19 -6.84 30.76
C ASN D 142 -36.43 -7.61 29.47
N ASN D 143 -35.91 -7.05 28.39
CA ASN D 143 -36.04 -7.67 27.09
C ASN D 143 -37.50 -7.77 26.62
N PHE D 144 -38.04 -6.62 26.20
CA PHE D 144 -39.36 -6.56 25.58
C PHE D 144 -39.35 -5.80 24.26
N TYR D 145 -39.87 -6.42 23.20
CA TYR D 145 -40.12 -5.72 21.94
C TYR D 145 -41.61 -5.77 21.72
N PRO D 146 -42.18 -4.68 21.16
CA PRO D 146 -41.37 -3.53 20.81
C PRO D 146 -40.96 -2.76 22.05
N LYS D 147 -40.32 -1.61 21.79
CA LYS D 147 -39.71 -0.74 22.79
C LYS D 147 -40.75 0.21 23.38
N ASP D 148 -41.98 0.05 22.93
CA ASP D 148 -43.08 0.85 23.43
C ASP D 148 -43.55 0.26 24.75
N ILE D 149 -43.38 1.04 25.83
CA ILE D 149 -43.74 0.60 27.16
C ILE D 149 -44.06 1.82 28.03
N ASN D 150 -45.09 1.71 28.88
CA ASN D 150 -45.46 2.85 29.72
C ASN D 150 -45.51 2.54 31.22
N VAL D 151 -44.66 3.24 31.97
CA VAL D 151 -44.43 2.96 33.38
C VAL D 151 -45.52 3.52 34.29
N LYS D 152 -45.96 2.69 35.25
CA LYS D 152 -46.96 3.07 36.24
C LYS D 152 -46.62 2.62 37.66
N TRP D 153 -46.57 3.57 38.58
CA TRP D 153 -46.44 3.26 39.98
C TRP D 153 -47.82 3.39 40.64
N LYS D 154 -48.18 2.42 41.48
CA LYS D 154 -49.45 2.47 42.23
C LYS D 154 -49.21 2.21 43.73
N ILE D 155 -49.64 3.15 44.57
CA ILE D 155 -49.44 3.07 46.01
C ILE D 155 -50.69 2.68 46.77
N ASP D 156 -50.67 1.47 47.33
CA ASP D 156 -51.69 1.04 48.27
C ASP D 156 -53.10 1.30 47.68
N GLY D 157 -53.22 1.10 46.37
CA GLY D 157 -54.46 1.35 45.66
C GLY D 157 -54.57 2.77 45.11
N SER D 158 -53.82 3.69 45.70
CA SER D 158 -53.80 5.08 45.26
C SER D 158 -52.57 5.35 44.40
N GLU D 159 -52.80 5.61 43.12
CA GLU D 159 -51.74 5.70 42.12
C GLU D 159 -50.80 6.91 42.27
N ARG D 160 -49.57 6.80 41.77
CA ARG D 160 -48.61 7.91 41.85
C ARG D 160 -47.74 8.13 40.59
N GLN D 161 -47.75 9.36 40.08
CA GLN D 161 -46.91 9.75 38.94
C GLN D 161 -45.63 10.51 39.34
N ASN D 162 -45.49 10.79 40.63
CA ASN D 162 -44.39 11.63 41.12
C ASN D 162 -43.06 10.92 41.32
N GLY D 163 -41.97 11.66 41.15
CA GLY D 163 -40.63 11.15 41.43
C GLY D 163 -40.17 9.91 40.66
N VAL D 164 -40.57 9.83 39.40
CA VAL D 164 -40.27 8.68 38.54
C VAL D 164 -39.02 8.86 37.65
N LEU D 165 -37.95 8.11 37.93
CA LEU D 165 -36.74 8.14 37.11
C LEU D 165 -36.61 6.88 36.29
N ASN D 166 -36.84 6.96 34.99
CA ASN D 166 -36.59 5.77 34.19
C ASN D 166 -35.30 5.87 33.40
N SER D 167 -34.95 4.79 32.74
CA SER D 167 -33.85 4.80 31.80
C SER D 167 -34.12 3.66 30.85
N TRP D 168 -33.85 3.81 29.57
CA TRP D 168 -34.05 2.69 28.66
C TRP D 168 -32.84 1.79 28.55
N THR D 169 -32.88 0.88 27.58
CA THR D 169 -31.68 0.19 27.15
C THR D 169 -31.78 0.15 25.65
N ASP D 170 -30.62 0.06 25.02
CA ASP D 170 -30.54 0.10 23.58
C ASP D 170 -31.02 -1.24 23.11
N GLN D 171 -31.64 -1.26 21.94
CA GLN D 171 -31.95 -2.53 21.36
C GLN D 171 -30.60 -3.21 21.44
N ASP D 172 -30.55 -4.38 22.07
CA ASP D 172 -29.33 -5.16 22.15
C ASP D 172 -28.99 -5.89 20.84
N SER D 173 -27.74 -6.31 20.74
CA SER D 173 -27.30 -7.11 19.62
C SER D 173 -28.07 -8.42 19.53
N LYS D 174 -28.21 -9.07 20.69
CA LYS D 174 -28.70 -10.44 20.78
C LYS D 174 -30.23 -10.56 20.73
N ASP D 175 -30.90 -10.22 21.83
CA ASP D 175 -32.34 -10.39 21.93
C ASP D 175 -33.07 -9.47 20.95
N SER D 176 -32.41 -8.40 20.55
CA SER D 176 -33.00 -7.42 19.65
C SER D 176 -34.16 -6.73 20.37
N THR D 177 -34.49 -7.21 21.56
CA THR D 177 -35.56 -6.62 22.36
C THR D 177 -35.02 -5.79 23.50
N TYR D 178 -35.73 -4.71 23.81
CA TYR D 178 -35.25 -3.71 24.75
C TYR D 178 -35.32 -4.15 26.21
N SER D 179 -34.77 -3.31 27.08
CA SER D 179 -34.70 -3.54 28.51
C SER D 179 -35.28 -2.27 29.12
N MET D 180 -35.55 -2.26 30.40
CA MET D 180 -36.09 -1.05 31.03
C MET D 180 -35.65 -1.06 32.48
N SER D 181 -35.27 0.09 33.02
CA SER D 181 -35.22 0.18 34.47
C SER D 181 -35.87 1.45 34.97
N SER D 182 -37.03 1.31 35.61
CA SER D 182 -37.66 2.38 36.36
C SER D 182 -37.12 2.46 37.79
N THR D 183 -37.24 3.62 38.42
CA THR D 183 -36.88 3.71 39.82
C THR D 183 -37.78 4.73 40.48
N LEU D 184 -38.17 4.47 41.72
CA LEU D 184 -38.99 5.41 42.47
C LEU D 184 -38.17 5.99 43.60
N THR D 185 -37.82 7.28 43.47
CA THR D 185 -36.81 7.89 44.35
C THR D 185 -37.39 8.85 45.39
N LEU D 186 -37.23 8.47 46.67
CA LEU D 186 -38.12 8.91 47.77
C LEU D 186 -37.55 8.83 49.24
N THR D 187 -38.22 9.50 50.19
CA THR D 187 -37.71 9.69 51.57
C THR D 187 -37.73 8.47 52.48
N LYS D 188 -37.23 8.67 53.71
CA LYS D 188 -37.44 7.68 54.76
C LYS D 188 -38.81 7.82 55.44
N ASP D 189 -39.12 9.04 55.87
CA ASP D 189 -40.34 9.27 56.64
C ASP D 189 -41.43 8.59 55.86
N GLU D 190 -41.51 8.98 54.60
CA GLU D 190 -42.52 8.45 53.70
C GLU D 190 -42.62 6.94 53.77
N TYR D 191 -41.53 6.25 53.44
CA TYR D 191 -41.64 4.83 53.16
C TYR D 191 -42.50 4.11 54.18
N GLU D 192 -42.42 4.50 55.45
CA GLU D 192 -43.17 3.82 56.49
C GLU D 192 -44.64 4.28 56.49
N ARG D 193 -44.99 5.15 55.53
CA ARG D 193 -46.37 5.61 55.42
C ARG D 193 -47.26 4.63 54.68
N HIS D 194 -46.71 3.53 54.17
CA HIS D 194 -47.50 2.57 53.39
C HIS D 194 -46.98 1.13 53.44
N ASN D 195 -47.69 0.22 52.80
CA ASN D 195 -47.36 -1.20 52.90
C ASN D 195 -47.29 -1.92 51.56
N SER D 196 -48.42 -1.98 50.84
CA SER D 196 -48.51 -2.78 49.61
C SER D 196 -48.35 -1.90 48.37
N TYR D 197 -47.21 -2.02 47.70
CA TYR D 197 -46.93 -1.23 46.51
C TYR D 197 -47.12 -2.07 45.24
N THR D 198 -48.23 -1.85 44.55
CA THR D 198 -48.61 -2.66 43.40
C THR D 198 -48.11 -1.94 42.14
N CYS D 199 -47.29 -2.61 41.34
CA CYS D 199 -46.67 -2.00 40.15
C CYS D 199 -47.21 -2.67 38.86
N GLU D 200 -47.49 -1.86 37.83
CA GLU D 200 -48.06 -2.37 36.57
C GLU D 200 -47.86 -1.44 35.36
N ALA D 201 -47.99 -1.98 34.15
CA ALA D 201 -47.86 -1.21 32.90
C ALA D 201 -48.37 -1.91 31.62
N THR D 202 -48.04 -1.36 30.45
CA THR D 202 -48.65 -1.84 29.21
C THR D 202 -47.67 -2.22 28.11
N HIS D 203 -47.87 -3.38 27.50
CA HIS D 203 -47.06 -3.86 26.36
C HIS D 203 -48.11 -4.30 25.35
N LYS D 204 -47.69 -4.85 24.22
CA LYS D 204 -48.72 -5.32 23.28
C LYS D 204 -49.08 -6.83 23.31
N THR D 205 -48.42 -7.64 24.15
CA THR D 205 -48.70 -9.10 24.10
C THR D 205 -49.82 -9.65 24.99
N SER D 206 -50.29 -8.86 25.96
CA SER D 206 -51.48 -9.23 26.72
C SER D 206 -52.39 -8.03 26.94
N THR D 207 -53.64 -8.14 26.47
CA THR D 207 -54.57 -7.03 26.62
C THR D 207 -54.61 -6.65 28.09
N SER D 208 -54.34 -7.63 28.93
CA SER D 208 -54.38 -7.45 30.36
C SER D 208 -53.00 -7.00 30.84
N PRO D 209 -52.96 -5.85 31.52
CA PRO D 209 -51.69 -5.29 32.04
C PRO D 209 -51.06 -6.22 33.07
N ILE D 210 -49.79 -6.58 32.89
CA ILE D 210 -49.10 -7.45 33.83
C ILE D 210 -48.58 -6.66 35.04
N VAL D 211 -48.76 -7.22 36.23
CA VAL D 211 -48.53 -6.50 37.49
C VAL D 211 -47.71 -7.29 38.50
N LYS D 212 -47.07 -6.57 39.41
CA LYS D 212 -46.33 -7.20 40.50
C LYS D 212 -46.34 -6.29 41.71
N SER D 213 -46.28 -6.89 42.89
CA SER D 213 -46.39 -6.11 44.11
C SER D 213 -45.52 -6.72 45.19
N PHE D 214 -45.59 -6.11 46.37
CA PHE D 214 -44.95 -6.61 47.58
C PHE D 214 -45.58 -5.88 48.76
N ASN D 215 -45.04 -6.05 49.96
CA ASN D 215 -45.52 -5.29 51.12
C ASN D 215 -44.44 -4.99 52.18
N ARG D 216 -44.80 -4.23 53.20
CA ARG D 216 -43.81 -3.71 54.15
C ARG D 216 -43.25 -4.70 55.16
N ASN D 217 -43.93 -5.83 55.36
CA ASN D 217 -43.35 -6.92 56.13
C ASN D 217 -43.24 -8.19 55.27
N GLU D 218 -42.00 -8.53 54.89
CA GLU D 218 -41.74 -9.66 53.98
C GLU D 218 -40.26 -10.03 53.83
N LEU E 3 -1.30 -10.95 -38.37
CA LEU E 3 -0.18 -10.28 -37.70
C LEU E 3 0.87 -11.25 -37.11
N ARG E 4 2.11 -11.18 -37.62
CA ARG E 4 3.23 -12.06 -37.20
C ARG E 4 4.63 -11.40 -37.25
N CYS E 5 5.69 -12.16 -37.01
CA CYS E 5 7.06 -11.60 -36.86
C CYS E 5 8.19 -12.63 -36.98
N MET E 6 9.42 -12.24 -36.60
CA MET E 6 10.51 -13.21 -36.48
C MET E 6 11.19 -13.27 -35.14
N GLN E 7 11.76 -14.44 -34.87
CA GLN E 7 12.33 -14.83 -33.60
C GLN E 7 13.77 -15.27 -33.88
N CYS E 8 14.76 -14.54 -33.38
CA CYS E 8 16.13 -15.02 -33.50
C CYS E 8 16.80 -14.92 -32.17
N LYS E 9 17.54 -15.98 -31.85
CA LYS E 9 18.26 -16.05 -30.58
C LYS E 9 19.46 -15.15 -30.70
N THR E 10 20.33 -15.21 -29.71
CA THR E 10 21.57 -14.46 -29.74
C THR E 10 22.55 -15.14 -30.70
N ASN E 11 22.71 -16.44 -30.50
CA ASN E 11 23.33 -17.29 -31.47
C ASN E 11 22.61 -17.11 -32.77
N GLY E 12 21.31 -16.85 -32.67
CA GLY E 12 20.48 -16.76 -33.85
C GLY E 12 19.93 -18.00 -34.53
N ASP E 13 19.31 -18.92 -33.79
CA ASP E 13 18.41 -19.88 -34.42
C ASP E 13 17.36 -18.97 -35.07
N CYS E 14 17.17 -19.07 -36.37
CA CYS E 14 16.26 -18.14 -37.02
C CYS E 14 15.01 -18.89 -37.40
N ARG E 15 13.99 -18.65 -36.60
CA ARG E 15 12.71 -19.31 -36.71
C ARG E 15 11.71 -18.21 -36.48
N VAL E 16 10.43 -18.57 -36.35
CA VAL E 16 9.37 -17.59 -36.28
C VAL E 16 8.48 -17.64 -35.03
N GLU E 17 7.67 -16.59 -34.84
CA GLU E 17 6.49 -16.61 -33.94
C GLU E 17 5.26 -15.90 -34.56
N GLU E 18 4.12 -16.02 -33.88
CA GLU E 18 2.85 -15.42 -34.30
C GLU E 18 2.80 -13.99 -33.80
N CYS E 19 3.93 -13.56 -33.26
CA CYS E 19 4.01 -12.28 -32.57
C CYS E 19 2.90 -12.34 -31.55
N ALA E 20 2.66 -13.55 -31.06
CA ALA E 20 1.76 -13.77 -29.96
C ALA E 20 0.58 -12.86 -30.23
N LEU E 21 0.14 -12.17 -29.19
CA LEU E 21 -0.94 -11.22 -29.33
C LEU E 21 -0.59 -9.88 -28.72
N GLY E 22 -0.42 -9.86 -27.40
CA GLY E 22 -0.29 -8.61 -26.65
C GLY E 22 0.79 -7.69 -27.15
N GLN E 23 1.66 -8.23 -28.00
CA GLN E 23 2.65 -7.42 -28.68
C GLN E 23 2.47 -7.61 -30.17
N ASP E 24 2.23 -6.51 -30.85
CA ASP E 24 2.07 -6.49 -32.29
C ASP E 24 3.41 -6.19 -32.93
N LEU E 25 4.38 -5.84 -32.08
CA LEU E 25 5.66 -5.30 -32.53
C LEU E 25 6.77 -6.32 -32.67
N CYS E 26 7.33 -6.39 -33.87
CA CYS E 26 8.60 -7.05 -34.09
C CYS E 26 9.73 -6.06 -33.82
N ARG E 27 10.57 -6.39 -32.86
CA ARG E 27 11.70 -5.54 -32.51
C ARG E 27 12.98 -6.26 -32.85
N THR E 28 13.92 -5.53 -33.41
CA THR E 28 15.24 -6.08 -33.57
C THR E 28 16.11 -5.35 -32.55
N THR E 29 17.05 -6.09 -31.96
CA THR E 29 17.78 -5.67 -30.77
C THR E 29 19.27 -5.96 -30.95
N ILE E 30 20.11 -4.94 -30.81
CA ILE E 30 21.55 -5.13 -31.02
C ILE E 30 22.57 -4.45 -30.14
N VAL E 31 23.60 -5.22 -29.81
CA VAL E 31 24.66 -4.79 -28.94
C VAL E 31 25.98 -4.80 -29.71
N ARG E 32 26.74 -3.70 -29.63
CA ARG E 32 28.05 -3.58 -30.28
C ARG E 32 29.21 -3.26 -29.34
N LEU E 33 30.14 -4.20 -29.24
CA LEU E 33 31.29 -4.09 -28.37
C LEU E 33 32.55 -3.84 -29.15
N TRP E 34 33.35 -2.96 -28.63
CA TRP E 34 34.51 -2.59 -29.36
C TRP E 34 35.58 -2.41 -28.33
N GLU E 35 36.69 -3.11 -28.53
CA GLU E 35 37.85 -2.90 -27.69
C GLU E 35 39.08 -2.87 -28.59
N GLU E 36 39.93 -1.88 -28.38
CA GLU E 36 41.14 -1.70 -29.15
C GLU E 36 40.72 -1.79 -30.61
N GLY E 37 41.57 -2.38 -31.44
CA GLY E 37 41.29 -2.45 -32.87
C GLY E 37 40.06 -3.31 -33.11
N GLU E 38 40.06 -4.49 -32.48
CA GLU E 38 39.09 -5.53 -32.79
C GLU E 38 37.71 -5.17 -32.28
N GLU E 39 36.75 -6.02 -32.58
CA GLU E 39 35.39 -5.60 -32.38
C GLU E 39 34.36 -6.64 -32.80
N LEU E 40 33.15 -6.50 -32.25
CA LEU E 40 32.25 -7.61 -31.89
C LEU E 40 30.74 -7.34 -31.95
N GLU E 41 29.85 -8.35 -32.14
CA GLU E 41 28.40 -8.00 -32.19
C GLU E 41 27.28 -9.06 -32.25
N LEU E 42 26.05 -8.59 -31.96
CA LEU E 42 24.94 -9.39 -31.42
C LEU E 42 23.48 -9.14 -31.86
N VAL E 43 22.73 -10.23 -32.12
CA VAL E 43 21.35 -10.18 -32.64
C VAL E 43 20.26 -10.74 -31.71
N GLU E 44 19.19 -10.00 -31.44
CA GLU E 44 17.97 -10.67 -30.93
C GLU E 44 16.75 -10.12 -31.71
N LYS E 45 16.10 -10.98 -32.48
CA LYS E 45 14.87 -10.59 -33.16
C LYS E 45 13.76 -11.40 -32.53
N SER E 46 12.70 -10.71 -32.10
CA SER E 46 11.62 -11.33 -31.32
C SER E 46 10.43 -10.41 -31.47
N CYS E 47 9.40 -10.62 -30.67
CA CYS E 47 8.28 -9.68 -30.67
C CYS E 47 8.16 -8.95 -29.35
N THR E 48 7.74 -7.69 -29.42
CA THR E 48 7.74 -6.80 -28.26
C THR E 48 6.50 -5.93 -28.22
N HIS E 49 6.08 -5.57 -27.00
CA HIS E 49 4.82 -4.85 -26.78
C HIS E 49 4.76 -3.47 -27.43
N SER E 50 3.53 -3.05 -27.72
CA SER E 50 3.25 -1.84 -28.49
C SER E 50 4.01 -0.62 -28.00
N GLU E 51 4.15 -0.58 -26.68
CA GLU E 51 4.67 0.59 -26.02
C GLU E 51 6.09 0.93 -26.49
N LYS E 52 6.83 -0.09 -26.91
CA LYS E 52 8.24 0.07 -27.29
C LYS E 52 8.49 0.95 -28.51
N THR E 53 9.60 1.69 -28.46
CA THR E 53 10.10 2.54 -29.55
C THR E 53 11.60 2.36 -29.71
N ASN E 54 12.13 2.81 -30.84
CA ASN E 54 13.55 2.64 -31.18
C ASN E 54 14.50 3.28 -30.14
N ARG E 55 15.73 2.77 -29.99
CA ARG E 55 16.68 3.33 -29.01
C ARG E 55 18.19 3.02 -29.28
N THR E 56 19.13 3.90 -28.88
CA THR E 56 20.60 3.66 -29.12
C THR E 56 21.51 3.48 -27.92
N LEU E 57 21.84 4.56 -27.20
CA LEU E 57 22.67 4.38 -26.02
C LEU E 57 24.01 3.63 -26.27
N SER E 58 25.05 4.32 -26.71
CA SER E 58 26.38 3.70 -26.63
C SER E 58 27.19 4.12 -25.33
N TYR E 59 27.64 3.15 -24.54
CA TYR E 59 28.36 3.41 -23.27
C TYR E 59 29.88 3.11 -23.32
N ARG E 60 30.69 3.90 -22.61
CA ARG E 60 32.13 3.66 -22.67
C ARG E 60 32.81 3.34 -21.32
N THR E 61 33.28 2.10 -21.20
CA THR E 61 33.76 1.47 -19.95
C THR E 61 35.23 1.74 -19.68
N GLY E 62 35.78 2.68 -20.41
CA GLY E 62 37.21 2.75 -20.56
C GLY E 62 37.47 2.20 -21.95
N LEU E 63 38.69 1.75 -22.19
CA LEU E 63 39.19 1.53 -23.53
C LEU E 63 38.26 0.69 -24.40
N LYS E 64 37.25 0.06 -23.78
CA LYS E 64 36.20 -0.61 -24.55
C LYS E 64 34.86 0.16 -24.56
N ILE E 65 34.12 0.04 -25.66
CA ILE E 65 32.90 0.81 -25.83
C ILE E 65 31.75 -0.06 -26.19
N THR E 66 30.57 0.28 -25.71
CA THR E 66 29.44 -0.56 -25.98
C THR E 66 28.38 0.22 -26.73
N SER E 67 28.07 -0.18 -27.94
CA SER E 67 26.97 0.44 -28.64
C SER E 67 25.80 -0.47 -28.40
N LEU E 68 24.78 -0.03 -27.64
CA LEU E 68 23.56 -0.82 -27.64
C LEU E 68 22.67 -0.22 -28.67
N THR E 69 21.55 -0.87 -28.90
CA THR E 69 20.50 -0.28 -29.70
C THR E 69 19.39 -1.25 -30.10
N GLU E 70 18.20 -0.73 -30.40
CA GLU E 70 17.03 -1.56 -30.71
C GLU E 70 16.11 -0.86 -31.71
N VAL E 71 15.38 -1.64 -32.50
CA VAL E 71 14.40 -1.06 -33.43
C VAL E 71 13.09 -1.82 -33.60
N VAL E 72 12.02 -1.07 -33.83
CA VAL E 72 10.73 -1.69 -33.95
C VAL E 72 10.07 -1.38 -35.27
N CYS E 73 9.37 -2.39 -35.75
CA CYS E 73 8.36 -2.23 -36.76
C CYS E 73 7.27 -3.21 -36.39
N GLY E 74 6.04 -2.92 -36.78
CA GLY E 74 4.95 -3.84 -36.51
C GLY E 74 4.57 -4.63 -37.74
N LEU E 75 5.06 -4.18 -38.90
CA LEU E 75 4.75 -4.80 -40.17
C LEU E 75 4.94 -6.30 -40.04
N ASP E 76 4.00 -7.08 -40.53
CA ASP E 76 4.16 -8.52 -40.39
C ASP E 76 5.55 -8.76 -40.93
N LEU E 77 6.38 -9.41 -40.13
CA LEU E 77 7.65 -9.89 -40.65
C LEU E 77 8.58 -8.77 -41.23
N CYS E 78 9.24 -8.05 -40.32
CA CYS E 78 10.38 -7.17 -40.62
C CYS E 78 11.74 -7.80 -40.28
N ASN E 79 11.96 -8.21 -39.03
CA ASN E 79 13.34 -8.35 -38.53
C ASN E 79 14.38 -9.23 -39.21
N GLN E 80 14.04 -10.12 -40.14
CA GLN E 80 15.11 -10.91 -40.79
C GLN E 80 16.06 -10.09 -41.70
N GLY E 81 17.30 -10.56 -41.82
CA GLY E 81 18.36 -9.77 -42.44
C GLY E 81 18.90 -8.61 -41.60
N ASN E 82 18.85 -7.41 -42.15
CA ASN E 82 19.58 -6.28 -41.60
C ASN E 82 18.85 -5.42 -40.57
N SER E 83 19.44 -4.27 -40.25
CA SER E 83 18.80 -3.33 -39.32
C SER E 83 18.60 -1.88 -39.86
N GLY E 84 19.66 -1.08 -39.90
CA GLY E 84 19.56 0.35 -40.17
C GLY E 84 20.01 1.23 -39.00
N VAL E 87 30.72 3.59 -48.07
CA VAL E 87 29.81 2.69 -47.35
C VAL E 87 30.18 2.60 -45.86
N THR E 88 29.63 3.50 -45.04
CA THR E 88 29.81 3.49 -43.57
C THR E 88 28.53 3.81 -42.78
N TYR E 89 28.05 2.87 -41.96
CA TYR E 89 26.78 3.09 -41.25
C TYR E 89 26.82 4.28 -40.30
N SER E 90 27.92 4.46 -39.58
CA SER E 90 28.07 5.70 -38.84
C SER E 90 28.73 6.56 -39.88
N ARG E 91 27.92 7.41 -40.50
CA ARG E 91 28.41 8.23 -41.58
C ARG E 91 29.54 9.05 -40.99
N SER E 92 29.10 9.99 -40.19
CA SER E 92 29.89 11.12 -39.77
C SER E 92 30.01 11.03 -38.28
N ARG E 93 30.54 12.07 -37.65
CA ARG E 93 30.57 12.16 -36.19
C ARG E 93 29.80 13.38 -35.67
N TYR E 94 28.71 13.08 -35.00
CA TYR E 94 27.79 14.09 -34.50
C TYR E 94 28.07 14.44 -33.03
N LEU E 95 27.09 15.05 -32.38
CA LEU E 95 27.32 15.75 -31.12
C LEU E 95 28.15 15.01 -30.07
N GLU E 96 29.01 15.76 -29.38
CA GLU E 96 29.90 15.26 -28.34
C GLU E 96 29.20 14.99 -27.02
N CYS E 97 29.77 14.09 -26.22
CA CYS E 97 29.25 13.76 -24.87
C CYS E 97 30.28 13.08 -23.97
N ILE E 98 29.98 12.98 -22.69
CA ILE E 98 30.83 12.22 -21.79
C ILE E 98 30.23 10.86 -21.45
N SER E 99 31.08 9.84 -21.34
CA SER E 99 30.60 8.48 -21.11
C SER E 99 31.53 7.68 -20.20
N CYS E 100 30.91 6.82 -19.40
CA CYS E 100 31.59 6.06 -18.38
C CYS E 100 30.50 5.23 -17.77
N GLY E 101 30.88 4.18 -17.05
CA GLY E 101 29.90 3.28 -16.46
C GLY E 101 30.35 2.68 -15.14
N SER E 102 29.44 2.02 -14.46
CA SER E 102 29.79 1.31 -13.24
C SER E 102 30.19 -0.11 -13.58
N SER E 103 30.33 -0.40 -14.87
CA SER E 103 30.89 -1.68 -15.29
C SER E 103 32.21 -1.85 -14.56
N ASP E 104 33.12 -0.90 -14.75
CA ASP E 104 34.44 -0.87 -14.09
C ASP E 104 34.44 0.03 -12.86
N MET E 105 33.26 0.55 -12.52
CA MET E 105 33.13 1.73 -11.67
C MET E 105 33.74 2.90 -12.43
N SER E 106 33.32 3.05 -13.69
CA SER E 106 33.81 4.11 -14.58
C SER E 106 33.20 5.49 -14.29
N CYS E 107 31.88 5.54 -14.15
CA CYS E 107 31.22 6.81 -13.84
C CYS E 107 31.44 7.19 -12.40
N GLU E 108 31.80 6.22 -11.59
CA GLU E 108 31.97 6.46 -10.17
C GLU E 108 33.34 7.09 -9.81
N ARG E 109 34.39 6.72 -10.51
CA ARG E 109 35.74 7.10 -10.08
C ARG E 109 36.31 8.42 -10.66
N GLY E 110 35.58 9.07 -11.54
CA GLY E 110 36.01 10.34 -12.14
C GLY E 110 36.72 10.19 -13.49
N ARG E 111 36.49 9.04 -14.10
CA ARG E 111 37.22 8.61 -15.28
C ARG E 111 36.55 9.08 -16.54
N HIS E 112 35.56 9.95 -16.36
CA HIS E 112 34.66 10.29 -17.44
C HIS E 112 35.53 10.51 -18.66
N GLN E 113 35.10 9.99 -19.80
CA GLN E 113 35.87 10.19 -21.02
C GLN E 113 35.05 10.84 -22.11
N SER E 114 35.73 11.36 -23.13
CA SER E 114 35.04 11.91 -24.26
C SER E 114 34.71 10.76 -25.19
N LEU E 115 33.43 10.63 -25.54
CA LEU E 115 33.03 9.63 -26.52
C LEU E 115 32.07 10.21 -27.54
N GLN E 116 32.50 10.28 -28.79
CA GLN E 116 31.65 10.93 -29.76
C GLN E 116 30.46 10.02 -30.00
N CYS E 117 29.31 10.62 -30.29
CA CYS E 117 28.15 9.85 -30.71
C CYS E 117 28.38 9.21 -32.08
N ARG E 118 27.64 8.13 -32.35
CA ARG E 118 27.64 7.52 -33.67
C ARG E 118 26.50 8.04 -34.53
N SER E 119 25.86 9.12 -34.07
CA SER E 119 24.78 9.77 -34.84
C SER E 119 24.36 11.07 -34.16
N PRO E 120 23.76 12.00 -34.93
CA PRO E 120 23.45 13.40 -34.61
C PRO E 120 22.36 13.70 -33.55
N GLU E 121 21.29 12.92 -33.51
CA GLU E 121 20.27 13.05 -32.48
C GLU E 121 20.63 12.33 -31.18
N GLU E 122 21.54 11.35 -31.25
CA GLU E 122 22.13 10.68 -30.08
C GLU E 122 22.66 11.74 -29.11
N GLN E 123 22.31 11.64 -27.83
CA GLN E 123 22.59 12.74 -26.90
C GLN E 123 23.29 12.36 -25.60
N CYS E 124 23.44 13.33 -24.70
CA CYS E 124 24.08 13.07 -23.43
C CYS E 124 23.05 12.74 -22.33
N LEU E 125 23.39 11.72 -21.54
CA LEU E 125 22.52 11.19 -20.49
C LEU E 125 23.32 10.64 -19.33
N ASP E 126 22.79 10.75 -18.13
CA ASP E 126 23.43 10.18 -16.96
C ASP E 126 22.94 8.80 -16.48
N VAL E 127 22.13 8.10 -17.28
CA VAL E 127 21.14 7.15 -16.74
C VAL E 127 21.54 6.29 -15.53
N VAL E 128 20.62 6.25 -14.56
CA VAL E 128 20.90 5.74 -13.23
C VAL E 128 19.99 4.59 -12.84
N THR E 129 20.63 3.53 -12.33
CA THR E 129 19.94 2.39 -11.75
C THR E 129 20.57 1.95 -10.42
N HIS E 130 19.79 2.00 -9.35
CA HIS E 130 20.17 1.43 -8.06
C HIS E 130 19.14 0.35 -7.75
N TRP E 131 19.49 -0.60 -6.91
CA TRP E 131 18.50 -1.50 -6.35
C TRP E 131 18.72 -1.51 -4.86
N ILE E 132 17.87 -2.21 -4.11
CA ILE E 132 18.06 -2.19 -2.67
C ILE E 132 19.13 -3.17 -2.32
N GLN E 133 18.76 -4.44 -2.34
CA GLN E 133 19.73 -5.46 -2.13
C GLN E 133 19.49 -6.51 -3.19
N GLU E 134 18.39 -7.22 -3.00
CA GLU E 134 18.04 -8.37 -3.82
C GLU E 134 16.53 -8.43 -4.11
N GLY E 135 16.16 -8.34 -5.38
CA GLY E 135 14.83 -8.77 -5.81
C GLY E 135 14.71 -10.24 -6.13
N GLU E 136 15.67 -10.74 -6.92
CA GLU E 136 15.64 -12.12 -7.39
C GLU E 136 16.93 -12.90 -7.06
N GLU E 137 17.96 -12.66 -7.88
CA GLU E 137 19.27 -13.28 -7.74
C GLU E 137 20.31 -12.38 -7.05
N GLY E 138 19.89 -11.24 -6.53
CA GLY E 138 20.79 -10.12 -6.26
C GLY E 138 20.48 -9.00 -7.21
N ARG E 139 19.42 -9.23 -7.99
CA ARG E 139 18.82 -8.22 -8.85
C ARG E 139 19.51 -8.03 -10.16
N PRO E 140 18.81 -7.39 -11.09
CA PRO E 140 19.20 -7.25 -12.49
C PRO E 140 20.62 -6.79 -12.60
N LYS E 141 21.24 -7.10 -13.74
CA LYS E 141 22.66 -6.83 -13.95
C LYS E 141 23.01 -5.48 -14.56
N ASP E 142 22.03 -4.58 -14.71
CA ASP E 142 22.31 -3.21 -15.19
C ASP E 142 23.15 -2.36 -14.27
N ASP E 143 24.09 -1.63 -14.85
CA ASP E 143 25.03 -0.82 -14.10
C ASP E 143 24.32 0.09 -13.09
N ARG E 144 24.89 0.17 -11.89
CA ARG E 144 24.37 1.08 -10.89
C ARG E 144 24.36 2.53 -11.44
N HIS E 145 25.17 2.77 -12.47
CA HIS E 145 25.18 4.04 -13.18
C HIS E 145 25.68 3.85 -14.59
N LEU E 146 25.26 4.70 -15.52
CA LEU E 146 25.87 4.73 -16.87
C LEU E 146 25.75 6.15 -17.46
N ARG E 147 26.77 6.60 -18.19
CA ARG E 147 26.71 7.89 -18.95
C ARG E 147 27.45 7.89 -20.32
N GLY E 148 26.82 8.48 -21.34
CA GLY E 148 27.40 8.46 -22.68
C GLY E 148 26.36 8.86 -23.72
N CYS E 149 26.65 8.53 -24.99
CA CYS E 149 25.78 8.87 -26.13
C CYS E 149 24.65 7.87 -26.34
N GLY E 150 23.47 8.35 -26.73
CA GLY E 150 22.35 7.46 -27.08
C GLY E 150 21.13 8.23 -27.56
N TYR E 151 20.03 7.53 -27.75
CA TYR E 151 18.72 8.17 -27.66
C TYR E 151 17.84 7.14 -26.94
N LEU E 152 17.32 7.51 -25.76
CA LEU E 152 16.24 6.76 -25.10
C LEU E 152 14.82 7.32 -25.33
N PRO E 153 13.80 6.43 -25.24
CA PRO E 153 12.42 6.87 -25.48
C PRO E 153 12.03 8.09 -24.66
N GLY E 154 11.44 9.07 -25.32
CA GLY E 154 10.91 10.24 -24.65
C GLY E 154 12.00 10.89 -23.82
N CYS E 155 13.26 10.52 -24.08
CA CYS E 155 14.38 11.09 -23.35
C CYS E 155 14.43 12.60 -23.39
N PRO E 156 13.97 13.22 -24.48
CA PRO E 156 14.28 14.64 -24.52
C PRO E 156 13.98 15.20 -23.14
N GLY E 157 14.91 15.93 -22.54
CA GLY E 157 14.76 16.33 -21.15
C GLY E 157 15.10 15.22 -20.15
N SER E 158 14.31 15.12 -19.08
CA SER E 158 14.63 14.27 -17.95
C SER E 158 13.48 13.39 -17.51
N ASN E 159 13.80 12.28 -16.85
CA ASN E 159 12.78 11.45 -16.21
C ASN E 159 13.27 10.22 -15.42
N GLY E 160 12.37 9.65 -14.62
CA GLY E 160 12.72 8.61 -13.68
C GLY E 160 11.72 8.47 -12.53
N PHE E 161 12.10 7.65 -11.56
CA PHE E 161 11.21 7.24 -10.49
C PHE E 161 11.98 6.75 -9.25
N HIS E 162 11.31 6.69 -8.12
CA HIS E 162 11.99 6.33 -6.89
C HIS E 162 11.09 6.18 -5.66
N ASN E 163 11.61 5.42 -4.71
CA ASN E 163 10.99 5.17 -3.44
C ASN E 163 11.98 4.36 -2.61
N ASN E 164 11.59 3.96 -1.41
CA ASN E 164 12.57 3.40 -0.49
C ASN E 164 13.50 2.34 -1.10
N ASP E 165 12.95 1.37 -1.81
CA ASP E 165 13.80 0.28 -2.27
C ASP E 165 14.44 0.39 -3.64
N THR E 166 13.96 1.28 -4.50
CA THR E 166 14.49 1.28 -5.88
C THR E 166 14.66 2.68 -6.46
N PHE E 167 15.76 2.89 -7.16
CA PHE E 167 16.00 4.16 -7.79
C PHE E 167 16.32 3.95 -9.27
N HIS E 168 15.48 4.48 -10.15
CA HIS E 168 15.80 4.51 -11.57
C HIS E 168 15.87 5.95 -11.98
N PHE E 169 16.62 6.23 -13.04
CA PHE E 169 16.61 7.59 -13.48
C PHE E 169 17.10 7.78 -14.89
N LEU E 170 16.72 8.90 -15.50
CA LEU E 170 17.25 9.27 -16.81
C LEU E 170 17.47 10.77 -17.04
N LYS E 171 18.66 11.12 -17.53
CA LYS E 171 19.01 12.49 -17.87
C LYS E 171 19.45 12.53 -19.33
N CYS E 172 19.20 13.66 -19.98
CA CYS E 172 19.62 13.78 -21.36
C CYS E 172 19.35 15.20 -21.84
N CYS E 173 20.02 15.57 -22.92
CA CYS E 173 19.93 16.92 -23.47
C CYS E 173 20.87 17.06 -24.65
N ASN E 174 20.62 18.06 -25.47
CA ASN E 174 21.27 18.17 -26.78
C ASN E 174 22.52 19.04 -26.75
N THR E 175 22.90 19.48 -25.56
CA THR E 175 24.10 20.30 -25.42
C THR E 175 25.36 19.49 -25.31
N THR E 176 26.44 20.03 -25.85
CA THR E 176 27.76 19.44 -25.68
C THR E 176 28.07 19.28 -24.20
N LYS E 177 28.63 18.12 -23.83
CA LYS E 177 29.15 17.92 -22.48
C LYS E 177 28.13 18.14 -21.36
N CYS E 178 26.85 18.02 -21.69
CA CYS E 178 25.78 18.37 -20.74
C CYS E 178 25.70 17.45 -19.52
N ASN E 179 26.05 16.18 -19.69
CA ASN E 179 25.90 15.21 -18.62
C ASN E 179 27.04 15.29 -17.64
N GLU E 180 28.07 16.07 -17.93
CA GLU E 180 29.29 15.93 -17.17
C GLU E 180 29.06 16.37 -15.73
N GLY E 181 30.14 16.37 -14.95
CA GLY E 181 30.04 16.65 -13.54
C GLY E 181 29.92 15.39 -12.71
N PRO E 182 29.22 15.49 -11.57
CA PRO E 182 29.23 14.50 -10.48
C PRO E 182 28.30 13.33 -10.80
N ILE E 183 28.07 12.45 -9.85
CA ILE E 183 27.20 11.32 -10.10
C ILE E 183 25.90 11.45 -9.34
N LEU E 184 24.77 11.17 -10.00
CA LEU E 184 23.52 11.35 -9.30
C LEU E 184 23.45 10.27 -8.24
N GLU E 185 23.41 10.70 -6.98
CA GLU E 185 23.35 9.74 -5.91
C GLU E 185 21.95 9.53 -5.31
N LEU E 186 20.92 10.16 -5.90
CA LEU E 186 19.68 10.29 -5.14
C LEU E 186 20.04 11.12 -3.91
N GLU E 187 20.26 10.45 -2.78
CA GLU E 187 20.32 11.11 -1.48
C GLU E 187 20.95 12.46 -1.72
N ASN E 188 21.69 12.56 -2.81
CA ASN E 188 22.17 13.86 -3.22
C ASN E 188 21.06 14.79 -3.62
N LEU E 189 20.01 14.26 -4.23
CA LEU E 189 19.03 15.15 -4.82
C LEU E 189 18.42 15.99 -3.72
N PRO E 190 17.49 16.87 -4.08
CA PRO E 190 16.84 17.77 -3.12
C PRO E 190 15.54 17.20 -2.55
N GLN E 191 14.91 17.94 -1.66
CA GLN E 191 13.65 17.46 -1.13
C GLN E 191 12.45 18.05 -1.88
N ASN E 192 11.77 17.22 -2.66
CA ASN E 192 10.71 17.69 -3.54
C ASN E 192 9.47 18.08 -2.77
N GLY E 193 9.48 17.75 -1.49
CA GLY E 193 8.40 18.11 -0.60
C GLY E 193 7.23 17.14 -0.58
N ARG E 194 7.17 16.31 -1.62
CA ARG E 194 6.08 15.38 -1.73
C ARG E 194 6.17 14.27 -0.74
N GLN E 195 4.99 13.88 -0.31
CA GLN E 195 4.81 12.80 0.61
C GLN E 195 4.11 11.75 -0.23
N CYS E 196 4.50 10.48 -0.05
CA CYS E 196 4.05 9.39 -0.92
C CYS E 196 4.02 8.02 -0.27
N TYR E 197 3.84 7.01 -1.10
CA TYR E 197 3.73 5.65 -0.63
C TYR E 197 4.54 4.69 -1.45
N SER E 198 5.38 3.93 -0.78
CA SER E 198 6.24 2.99 -1.48
C SER E 198 5.93 1.55 -1.11
N CYS E 199 6.03 0.67 -2.09
CA CYS E 199 5.80 -0.74 -1.82
C CYS E 199 6.08 -1.60 -3.03
N LYS E 200 6.33 -2.87 -2.76
CA LYS E 200 6.64 -3.90 -3.74
C LYS E 200 5.93 -5.15 -3.27
N GLY E 201 5.54 -6.02 -4.20
CA GLY E 201 4.86 -7.26 -3.87
C GLY E 201 3.39 -7.43 -4.25
N ASN E 202 2.84 -8.60 -3.88
CA ASN E 202 1.55 -9.02 -4.42
C ASN E 202 0.41 -8.22 -3.85
N SER E 203 -0.80 -8.59 -4.23
CA SER E 203 -1.96 -7.87 -3.78
C SER E 203 -1.69 -7.60 -2.32
N THR E 204 -1.59 -8.67 -1.54
CA THR E 204 -1.09 -8.51 -0.19
C THR E 204 0.34 -9.00 -0.02
N HIS E 205 0.88 -8.73 1.15
CA HIS E 205 2.12 -9.29 1.64
C HIS E 205 3.30 -8.90 0.77
N GLY E 206 3.05 -8.52 -0.47
CA GLY E 206 3.97 -7.62 -1.16
C GLY E 206 3.64 -6.15 -0.94
N CYS E 207 2.43 -5.78 -1.35
CA CYS E 207 1.98 -4.38 -1.37
C CYS E 207 0.98 -3.91 -0.31
N SER E 208 0.67 -4.73 0.66
CA SER E 208 -0.56 -4.54 1.41
C SER E 208 -0.56 -3.25 2.23
N SER E 209 -1.67 -3.01 2.92
CA SER E 209 -1.88 -1.78 3.67
C SER E 209 -0.81 -1.60 4.76
N GLU E 210 -0.04 -2.65 5.01
CA GLU E 210 0.92 -2.68 6.11
C GLU E 210 2.29 -2.13 5.72
N GLU E 211 3.03 -2.90 4.93
CA GLU E 211 4.41 -2.52 4.57
C GLU E 211 4.43 -1.14 3.95
N THR E 212 3.31 -0.77 3.34
CA THR E 212 3.24 0.51 2.70
C THR E 212 3.76 1.46 3.76
N PHE E 213 4.59 2.43 3.39
CA PHE E 213 4.74 3.59 4.26
C PHE E 213 5.25 4.91 3.63
N LEU E 214 5.03 5.99 4.35
CA LEU E 214 5.29 7.33 3.88
C LEU E 214 6.77 7.60 3.73
N ILE E 215 7.13 8.14 2.59
CA ILE E 215 8.52 8.28 2.24
C ILE E 215 8.63 9.66 1.69
N ASP E 216 9.78 10.29 1.82
CA ASP E 216 9.92 11.59 1.20
C ASP E 216 10.53 11.43 -0.17
N CYS E 217 9.83 11.94 -1.17
CA CYS E 217 10.32 11.84 -2.52
C CYS E 217 11.47 12.79 -2.58
N ARG E 218 12.39 12.52 -3.48
CA ARG E 218 13.52 13.40 -3.70
C ARG E 218 13.56 13.79 -5.17
N GLY E 219 14.02 15.01 -5.45
CA GLY E 219 14.17 15.46 -6.82
C GLY E 219 12.88 15.59 -7.60
N PRO E 220 13.02 15.82 -8.89
CA PRO E 220 12.06 16.15 -9.93
C PRO E 220 10.89 15.25 -9.94
N MET E 221 10.99 14.11 -9.28
CA MET E 221 9.79 13.30 -9.24
C MET E 221 9.05 13.85 -8.04
N ASN E 222 8.07 14.70 -8.31
CA ASN E 222 7.08 15.14 -7.34
C ASN E 222 5.75 14.47 -7.63
N GLN E 223 5.76 13.62 -8.64
CA GLN E 223 4.55 12.93 -8.99
C GLN E 223 4.44 11.64 -8.21
N CYS E 224 3.24 11.31 -7.77
CA CYS E 224 3.08 10.05 -7.10
C CYS E 224 2.48 9.03 -8.02
N LEU E 225 3.23 7.95 -8.20
CA LEU E 225 2.95 6.99 -9.26
C LEU E 225 2.59 5.66 -8.70
N VAL E 226 1.87 4.87 -9.49
CA VAL E 226 1.57 3.48 -9.17
C VAL E 226 1.31 2.67 -10.45
N ALA E 227 1.63 1.37 -10.43
CA ALA E 227 1.54 0.57 -11.66
C ALA E 227 1.29 -0.95 -11.53
N THR E 228 0.80 -1.52 -12.64
CA THR E 228 0.39 -2.92 -12.69
C THR E 228 0.42 -3.51 -14.09
N GLY E 229 0.50 -4.83 -14.15
CA GLY E 229 0.59 -5.56 -15.39
C GLY E 229 1.36 -6.81 -15.02
N THR E 230 1.58 -7.70 -15.97
CA THR E 230 2.32 -8.92 -15.64
C THR E 230 3.81 -8.62 -15.53
N HIS E 231 4.50 -9.40 -14.71
CA HIS E 231 5.94 -9.22 -14.46
C HIS E 231 6.76 -10.37 -15.01
N GLU E 232 8.03 -10.44 -14.57
CA GLU E 232 8.93 -11.51 -14.97
C GLU E 232 8.22 -12.81 -14.64
N PRO E 233 8.91 -13.96 -14.72
CA PRO E 233 8.34 -15.08 -15.47
C PRO E 233 6.91 -15.47 -15.07
N LYS E 234 6.00 -14.57 -15.45
CA LYS E 234 4.55 -14.80 -15.42
C LYS E 234 3.91 -14.94 -14.05
N ASN E 235 4.46 -14.27 -13.05
CA ASN E 235 3.77 -14.17 -11.78
C ASN E 235 3.09 -12.82 -11.79
N GLN E 236 1.79 -12.89 -11.99
CA GLN E 236 1.00 -11.71 -12.24
C GLN E 236 0.38 -11.32 -10.94
N SER E 237 -0.58 -10.39 -10.97
CA SER E 237 -1.07 -9.85 -9.73
C SER E 237 0.09 -9.07 -9.08
N TYR E 238 0.72 -8.18 -9.86
CA TYR E 238 1.83 -7.35 -9.34
C TYR E 238 1.88 -5.80 -9.61
N MET E 239 2.34 -5.05 -8.62
CA MET E 239 2.18 -3.60 -8.59
C MET E 239 3.41 -2.89 -8.00
N VAL E 240 3.52 -1.58 -8.23
CA VAL E 240 4.58 -0.75 -7.62
C VAL E 240 4.10 0.61 -7.20
N ARG E 241 4.72 1.15 -6.16
CA ARG E 241 4.34 2.44 -5.59
C ARG E 241 5.56 3.33 -5.35
N GLY E 242 5.47 4.60 -5.77
CA GLY E 242 6.50 5.59 -5.48
C GLY E 242 6.40 6.91 -6.20
N CYS E 243 7.12 7.90 -5.69
CA CYS E 243 7.19 9.19 -6.35
C CYS E 243 7.84 9.04 -7.71
N ALA E 244 7.50 9.93 -8.65
CA ALA E 244 8.17 9.92 -9.95
C ALA E 244 7.84 11.15 -10.77
N THR E 245 8.27 11.17 -12.04
CA THR E 245 7.89 12.24 -12.97
C THR E 245 6.90 11.90 -14.08
N ALA E 246 6.50 12.95 -14.78
CA ALA E 246 5.46 12.86 -15.79
C ALA E 246 5.74 11.71 -16.69
N SER E 247 7.03 11.53 -16.95
CA SER E 247 7.52 10.57 -17.89
C SER E 247 6.88 9.22 -17.67
N MET E 248 7.00 8.73 -16.45
CA MET E 248 6.63 7.36 -16.18
C MET E 248 5.12 7.15 -16.34
N CYS E 249 4.36 8.25 -16.33
CA CYS E 249 2.89 8.20 -16.51
C CYS E 249 2.39 8.10 -17.94
N GLN E 250 2.94 8.95 -18.78
CA GLN E 250 2.69 8.84 -20.20
C GLN E 250 3.42 7.59 -20.69
N HIS E 251 2.82 6.89 -21.64
CA HIS E 251 3.37 5.61 -22.08
C HIS E 251 3.64 4.76 -20.85
N ALA E 252 4.74 4.02 -20.92
CA ALA E 252 5.53 3.64 -19.76
C ALA E 252 6.99 3.63 -20.19
N HIS E 253 7.83 4.40 -19.52
CA HIS E 253 9.26 4.15 -19.61
C HIS E 253 9.54 3.24 -18.44
N LEU E 254 8.50 3.08 -17.63
CA LEU E 254 8.51 2.15 -16.51
C LEU E 254 8.43 0.74 -17.07
N GLY E 255 7.67 0.58 -18.15
CA GLY E 255 7.44 -0.72 -18.74
C GLY E 255 8.67 -1.34 -19.40
N ASP E 256 9.65 -0.51 -19.71
CA ASP E 256 10.91 -0.99 -20.25
C ASP E 256 11.82 -1.46 -19.11
N ALA E 257 11.89 -0.63 -18.09
CA ALA E 257 12.88 -0.76 -17.03
C ALA E 257 12.55 -1.93 -16.13
N PHE E 258 11.42 -1.82 -15.44
CA PHE E 258 10.94 -2.86 -14.52
C PHE E 258 10.57 -4.14 -15.26
N SER E 259 10.53 -4.08 -16.59
CA SER E 259 10.27 -5.26 -17.39
C SER E 259 8.89 -5.90 -17.12
N MET E 260 7.82 -5.25 -17.58
CA MET E 260 6.46 -5.77 -17.41
C MET E 260 5.59 -5.53 -18.66
N ASN E 261 4.52 -6.30 -18.79
CA ASN E 261 3.75 -6.30 -20.04
C ASN E 261 2.32 -5.78 -19.98
N HIS E 262 2.06 -4.86 -20.90
CA HIS E 262 0.80 -4.14 -20.99
C HIS E 262 0.28 -3.78 -19.62
N ILE E 263 1.06 -2.90 -19.02
CA ILE E 263 0.82 -2.33 -17.71
C ILE E 263 0.05 -1.03 -17.91
N ASP E 264 -0.40 -0.45 -16.80
CA ASP E 264 -1.05 0.86 -16.81
C ASP E 264 -0.62 1.62 -15.59
N VAL E 265 -0.29 2.87 -15.80
CA VAL E 265 0.16 3.73 -14.73
C VAL E 265 -0.92 4.76 -14.50
N SER E 266 -0.95 5.28 -13.28
CA SER E 266 -1.70 6.49 -12.98
C SER E 266 -0.91 7.26 -11.92
N CYS E 267 -1.28 8.51 -11.71
CA CYS E 267 -0.54 9.36 -10.79
C CYS E 267 -1.47 10.38 -10.20
N CYS E 268 -1.03 11.02 -9.13
CA CYS E 268 -1.90 11.91 -8.38
C CYS E 268 -1.16 13.19 -8.01
N THR E 269 -1.85 14.32 -8.07
CA THR E 269 -1.23 15.61 -7.76
C THR E 269 -0.68 15.83 -6.33
N LYS E 270 -1.55 15.98 -5.32
CA LYS E 270 -1.16 16.28 -3.92
C LYS E 270 -0.70 15.02 -3.23
N SER E 271 0.17 15.20 -2.25
CA SER E 271 1.06 14.12 -1.90
C SER E 271 0.12 13.07 -1.38
N GLY E 272 0.69 11.94 -1.02
CA GLY E 272 -0.12 10.92 -0.40
C GLY E 272 -1.31 10.50 -1.22
N CYS E 273 -1.39 10.87 -2.48
CA CYS E 273 -2.50 10.39 -3.30
C CYS E 273 -2.21 8.92 -3.68
N ASN E 274 -1.10 8.45 -3.12
CA ASN E 274 -0.49 7.19 -3.48
C ASN E 274 -1.19 5.92 -3.09
N HIS E 275 -1.87 5.96 -1.95
CA HIS E 275 -2.39 4.77 -1.27
C HIS E 275 -3.23 3.89 -2.15
N PRO E 276 -3.26 2.58 -1.85
CA PRO E 276 -4.12 1.68 -2.61
C PRO E 276 -5.54 2.15 -2.50
N ASP E 277 -5.79 3.02 -1.53
CA ASP E 277 -7.12 3.59 -1.32
C ASP E 277 -7.91 2.70 -0.37
#